data_4BHD
#
_entry.id   4BHD
#
_cell.length_a   86.594
_cell.length_b   110.158
_cell.length_c   110.689
_cell.angle_alpha   90.00
_cell.angle_beta   90.00
_cell.angle_gamma   90.00
#
_symmetry.space_group_name_H-M   'P 21 21 21'
#
loop_
_entity.id
_entity.type
_entity.pdbx_description
1 polymer 'SERINE HYDROXYMETHYLTRANSFERASE'
2 non-polymer 'PHOSPHATE ION'
3 water water
#
_entity_poly.entity_id   1
_entity_poly.type   'polypeptide(L)'
_entity_poly.pdbx_seq_one_letter_code
;MYSDVPKFIRDVSIKQHEWMRESIKLIASENITSLAVREACATDFMHRYAEGLPGKRLYQGCKYIDEVETLCIELSKELF
KAEHANVQPTSGVVANLAVFFAETKPGDKLMALSVPDGGHISHWKVSAAGIRGLKVINHPFDPEEMNIDADAMVKKILEE
KPKLILFGGSLFPFPHPVADAYEAAQEVGAKIAYDGAHVLGLIAGKQFQDPLREGAEYLMGSTHKTFFGPQGGVILTTKE
NADKIDSHVFPGVVSNHHLHHKAGLAIALAEMLEFGEAYAKQVIKNAKALAQALYERGFNVLCEHKDFTESHQVIIDIES
SPDIEFSASELAKMYEEANIILNKNLLPWDDVNNSDNPSGIRLGTQECTRLGMKEKEMEEIAEFMKRIAIDKEKPEKVRE
DVKEFAKEYSTIHYSFDEGDGFKYLRFY
;
_entity_poly.pdbx_strand_id   A,B
#
loop_
_chem_comp.id
_chem_comp.type
_chem_comp.name
_chem_comp.formula
PO4 non-polymer 'PHOSPHATE ION' 'O4 P -3'
#
# COMPACT_ATOMS: atom_id res chain seq x y z
N TYR A 2 -9.56 -26.55 -1.82
CA TYR A 2 -9.45 -25.07 -1.74
C TYR A 2 -10.82 -24.40 -1.80
N SER A 3 -11.84 -25.19 -2.13
CA SER A 3 -13.21 -24.68 -2.34
C SER A 3 -13.83 -24.04 -1.10
N ASP A 4 -13.41 -24.49 0.08
CA ASP A 4 -13.92 -23.93 1.33
C ASP A 4 -12.95 -22.97 2.03
N VAL A 5 -11.96 -22.49 1.28
CA VAL A 5 -11.09 -21.40 1.74
C VAL A 5 -11.83 -20.04 1.75
N PRO A 6 -12.61 -19.75 0.68
CA PRO A 6 -13.42 -18.52 0.67
C PRO A 6 -14.36 -18.40 1.87
N LYS A 7 -14.93 -19.53 2.29
CA LYS A 7 -15.84 -19.57 3.43
C LYS A 7 -15.08 -19.48 4.74
N PHE A 8 -13.86 -20.02 4.75
CA PHE A 8 -13.01 -20.02 5.94
C PHE A 8 -12.64 -18.60 6.38
N ILE A 9 -12.05 -17.81 5.47
CA ILE A 9 -11.63 -16.45 5.82
C ILE A 9 -12.82 -15.50 5.96
N ARG A 10 -13.96 -15.88 5.38
CA ARG A 10 -15.23 -15.19 5.58
C ARG A 10 -15.64 -15.25 7.07
N ASP A 11 -15.48 -16.43 7.66
CA ASP A 11 -15.74 -16.62 9.09
C ASP A 11 -14.68 -15.93 9.95
N VAL A 12 -13.41 -16.11 9.59
CA VAL A 12 -12.28 -15.50 10.31
C VAL A 12 -12.41 -13.98 10.35
N SER A 13 -12.88 -13.38 9.26
CA SER A 13 -13.05 -11.93 9.21
C SER A 13 -14.32 -11.44 9.92
N ILE A 14 -15.38 -12.25 9.91
CA ILE A 14 -16.60 -11.94 10.67
C ILE A 14 -16.35 -12.04 12.18
N LYS A 15 -15.61 -13.07 12.59
CA LYS A 15 -15.20 -13.22 13.99
C LYS A 15 -14.28 -12.08 14.43
N GLN A 16 -13.38 -11.68 13.54
CA GLN A 16 -12.51 -10.53 13.76
C GLN A 16 -13.35 -9.27 14.06
N HIS A 17 -14.38 -9.05 13.25
CA HIS A 17 -15.29 -7.92 13.44
C HIS A 17 -15.97 -7.95 14.81
N GLU A 18 -16.57 -9.10 15.15
CA GLU A 18 -17.34 -9.23 16.39
C GLU A 18 -16.47 -9.20 17.64
N TRP A 19 -15.25 -9.75 17.53
CA TRP A 19 -14.30 -9.66 18.63
C TRP A 19 -13.90 -8.21 18.86
N MET A 20 -13.64 -7.49 17.77
CA MET A 20 -13.29 -6.08 17.85
C MET A 20 -14.44 -5.23 18.38
N ARG A 21 -15.67 -5.62 18.05
CA ARG A 21 -16.84 -4.93 18.58
C ARG A 21 -16.88 -5.01 20.10
N GLU A 22 -16.55 -6.19 20.64
CA GLU A 22 -16.62 -6.43 22.08
C GLU A 22 -15.28 -6.23 22.81
N SER A 23 -14.44 -5.35 22.26
CA SER A 23 -13.13 -5.04 22.84
C SER A 23 -12.93 -3.54 23.01
N ILE A 24 -12.12 -3.15 24.00
CA ILE A 24 -11.70 -1.76 24.12
C ILE A 24 -10.38 -1.57 23.41
N LYS A 25 -10.43 -0.83 22.30
CA LYS A 25 -9.27 -0.63 21.42
C LYS A 25 -8.49 0.62 21.79
N LEU A 26 -7.27 0.41 22.30
CA LEU A 26 -6.46 1.51 22.81
C LEU A 26 -5.10 1.63 22.13
N ILE A 27 -4.91 0.92 21.02
CA ILE A 27 -3.68 1.02 20.25
C ILE A 27 -3.65 2.35 19.46
N ALA A 28 -2.69 3.20 19.81
CA ALA A 28 -2.60 4.57 19.28
C ALA A 28 -2.29 4.65 17.79
N SER A 29 -1.86 3.53 17.21
CA SER A 29 -1.48 3.47 15.81
C SER A 29 -2.65 3.07 14.90
N GLU A 30 -3.79 2.74 15.50
CA GLU A 30 -4.96 2.28 14.77
C GLU A 30 -6.17 3.18 15.04
N ASN A 31 -7.08 3.24 14.07
CA ASN A 31 -8.33 3.97 14.21
C ASN A 31 -9.44 3.27 13.41
N ILE A 32 -10.67 3.75 13.57
CA ILE A 32 -11.80 3.16 12.87
C ILE A 32 -12.38 4.09 11.79
N THR A 33 -12.70 3.48 10.67
CA THR A 33 -13.12 4.15 9.47
C THR A 33 -14.66 4.14 9.36
N SER A 34 -15.22 5.21 8.80
CA SER A 34 -16.66 5.30 8.60
C SER A 34 -17.10 4.41 7.44
N LEU A 35 -18.37 4.01 7.43
CA LEU A 35 -18.89 3.12 6.39
C LEU A 35 -18.71 3.70 4.99
N ALA A 36 -18.85 5.02 4.85
CA ALA A 36 -18.64 5.71 3.57
C ALA A 36 -17.22 5.52 3.05
N VAL A 37 -16.25 5.70 3.94
CA VAL A 37 -14.83 5.57 3.60
C VAL A 37 -14.52 4.12 3.23
N ARG A 38 -15.15 3.19 3.94
CA ARG A 38 -14.95 1.77 3.71
C ARG A 38 -15.63 1.32 2.41
N GLU A 39 -16.76 1.96 2.08
CA GLU A 39 -17.45 1.72 0.81
C GLU A 39 -16.59 2.16 -0.36
N ALA A 40 -15.96 3.33 -0.23
CA ALA A 40 -15.15 3.91 -1.28
C ALA A 40 -13.92 3.07 -1.59
N CYS A 41 -13.35 2.48 -0.54
CA CYS A 41 -12.23 1.54 -0.69
C CYS A 41 -12.71 0.23 -1.30
N ALA A 42 -13.91 -0.19 -0.92
CA ALA A 42 -14.51 -1.45 -1.38
C ALA A 42 -14.75 -1.48 -2.88
N THR A 43 -14.82 -0.31 -3.51
CA THR A 43 -14.89 -0.22 -4.97
C THR A 43 -13.73 -1.00 -5.54
N ASP A 44 -12.64 -1.03 -4.76
CA ASP A 44 -11.49 -1.91 -5.00
C ASP A 44 -11.21 -2.02 -6.48
N PHE A 45 -11.06 -0.88 -7.15
CA PHE A 45 -10.80 -0.93 -8.57
C PHE A 45 -9.33 -1.11 -8.89
N MET A 46 -9.09 -2.09 -9.76
CA MET A 46 -7.77 -2.64 -10.00
C MET A 46 -6.97 -1.74 -10.93
N HIS A 47 -6.37 -0.72 -10.33
CA HIS A 47 -5.56 0.26 -11.05
C HIS A 47 -4.31 0.57 -10.22
N GLN A 60 -3.09 3.65 -18.83
CA GLN A 60 -3.71 4.95 -18.80
C GLN A 60 -5.04 4.98 -19.53
N GLY A 61 -6.12 4.74 -18.81
CA GLY A 61 -7.44 4.84 -19.38
C GLY A 61 -8.54 5.65 -18.74
N CYS A 62 -8.53 5.77 -17.42
CA CYS A 62 -9.72 6.20 -16.71
C CYS A 62 -9.80 7.67 -16.34
N LYS A 63 -10.97 8.23 -16.48
CA LYS A 63 -11.16 9.68 -16.25
C LYS A 63 -11.68 10.04 -14.86
N TYR A 64 -12.51 9.16 -14.29
CA TYR A 64 -13.10 9.37 -12.96
C TYR A 64 -12.07 9.24 -11.84
N ILE A 65 -10.96 8.58 -12.15
CA ILE A 65 -9.85 8.41 -11.22
C ILE A 65 -9.16 9.75 -10.92
N ASP A 66 -8.90 10.53 -11.96
CA ASP A 66 -8.28 11.86 -11.83
C ASP A 66 -9.17 12.84 -11.08
N GLU A 67 -10.48 12.63 -11.18
CA GLU A 67 -11.46 13.51 -10.55
C GLU A 67 -11.47 13.40 -9.02
N VAL A 68 -11.37 12.17 -8.50
CA VAL A 68 -11.35 11.96 -7.05
C VAL A 68 -9.99 12.31 -6.46
N GLU A 69 -8.95 12.21 -7.28
CA GLU A 69 -7.60 12.48 -6.83
C GLU A 69 -7.31 13.97 -6.78
N THR A 70 -7.81 14.71 -7.77
CA THR A 70 -7.66 16.18 -7.76
C THR A 70 -8.49 16.79 -6.63
N LEU A 71 -9.63 16.17 -6.33
CA LEU A 71 -10.46 16.59 -5.19
C LEU A 71 -9.78 16.31 -3.84
N CYS A 72 -9.03 15.21 -3.77
CA CYS A 72 -8.20 14.90 -2.60
C CYS A 72 -7.16 16.01 -2.40
N ILE A 73 -6.45 16.34 -3.48
CA ILE A 73 -5.42 17.37 -3.43
C ILE A 73 -6.00 18.68 -2.94
N GLU A 74 -7.15 19.06 -3.50
CA GLU A 74 -7.80 20.32 -3.17
C GLU A 74 -8.33 20.37 -1.73
N LEU A 75 -8.98 19.30 -1.31
CA LEU A 75 -9.45 19.14 0.06
C LEU A 75 -8.32 19.17 1.09
N SER A 76 -7.19 18.52 0.78
CA SER A 76 -6.03 18.51 1.68
C SER A 76 -5.45 19.90 1.84
N LYS A 77 -5.41 20.66 0.75
CA LYS A 77 -4.89 22.02 0.77
C LYS A 77 -5.71 22.92 1.70
N GLU A 78 -7.03 22.74 1.69
CA GLU A 78 -7.91 23.53 2.57
C GLU A 78 -7.81 23.09 4.03
N LEU A 79 -7.93 21.79 4.26
CA LEU A 79 -7.89 21.24 5.61
C LEU A 79 -6.63 21.63 6.37
N PHE A 80 -5.48 21.52 5.71
CA PHE A 80 -4.19 21.76 6.37
C PHE A 80 -3.64 23.16 6.13
N LYS A 81 -4.38 23.96 5.35
CA LYS A 81 -3.94 25.30 4.94
C LYS A 81 -2.57 25.25 4.27
N ALA A 82 -2.40 24.31 3.34
CA ALA A 82 -1.12 24.14 2.65
C ALA A 82 -1.22 24.60 1.21
N GLU A 83 -0.13 25.16 0.68
CA GLU A 83 -0.10 25.64 -0.69
C GLU A 83 -0.02 24.50 -1.71
N HIS A 84 0.54 23.37 -1.29
CA HIS A 84 0.62 22.18 -2.13
C HIS A 84 0.38 20.92 -1.32
N ALA A 85 -0.25 19.94 -1.96
CA ALA A 85 -0.55 18.67 -1.32
C ALA A 85 -0.23 17.52 -2.28
N ASN A 86 0.22 16.41 -1.70
CA ASN A 86 0.50 15.22 -2.45
C ASN A 86 -0.07 14.02 -1.72
N VAL A 87 -0.95 13.28 -2.40
CA VAL A 87 -1.69 12.19 -1.77
C VAL A 87 -1.35 10.81 -2.38
N GLN A 88 -0.25 10.76 -3.13
CA GLN A 88 0.19 9.53 -3.79
C GLN A 88 0.74 8.46 -2.83
N PRO A 89 1.49 8.87 -1.79
CA PRO A 89 2.13 7.90 -0.90
C PRO A 89 1.19 6.83 -0.38
N THR A 90 1.67 5.59 -0.37
CA THR A 90 0.90 4.44 0.08
C THR A 90 0.98 4.25 1.60
N SER A 91 1.83 5.05 2.26
CA SER A 91 1.92 5.08 3.71
C SER A 91 2.72 6.29 4.17
N GLY A 92 2.69 6.57 5.48
CA GLY A 92 3.50 7.63 6.07
C GLY A 92 5.00 7.37 5.91
N VAL A 93 5.41 6.11 6.02
CA VAL A 93 6.82 5.73 5.85
C VAL A 93 7.31 6.10 4.45
N VAL A 94 6.49 5.81 3.43
CA VAL A 94 6.84 6.14 2.04
C VAL A 94 6.79 7.65 1.81
N ALA A 95 5.94 8.35 2.55
CA ALA A 95 5.89 9.82 2.51
C ALA A 95 7.22 10.41 3.00
N ASN A 96 7.78 9.84 4.07
CA ASN A 96 9.08 10.27 4.59
C ASN A 96 10.19 10.00 3.58
N LEU A 97 10.16 8.79 3.01
CA LEU A 97 11.09 8.41 1.95
C LEU A 97 11.17 9.45 0.84
N ALA A 98 10.01 9.90 0.37
CA ALA A 98 9.92 10.88 -0.70
C ALA A 98 10.59 12.21 -0.34
N VAL A 99 10.40 12.66 0.90
CA VAL A 99 11.02 13.90 1.37
C VAL A 99 12.53 13.74 1.53
N PHE A 100 12.95 12.60 2.06
CA PHE A 100 14.37 12.25 2.16
C PHE A 100 15.02 12.22 0.78
N PHE A 101 14.34 11.59 -0.16
CA PHE A 101 14.75 11.53 -1.55
C PHE A 101 14.88 12.94 -2.12
N ALA A 102 13.84 13.75 -1.92
CA ALA A 102 13.76 15.09 -2.49
C ALA A 102 14.73 16.10 -1.86
N GLU A 103 15.06 15.92 -0.58
CA GLU A 103 15.85 16.92 0.14
C GLU A 103 17.26 16.50 0.57
N THR A 104 17.56 15.20 0.49
CA THR A 104 18.89 14.72 0.85
C THR A 104 19.56 13.91 -0.26
N LYS A 105 20.83 14.25 -0.52
CA LYS A 105 21.70 13.42 -1.34
C LYS A 105 22.31 12.34 -0.44
N PRO A 106 22.77 11.20 -1.02
CA PRO A 106 23.28 10.09 -0.20
C PRO A 106 24.43 10.50 0.72
N GLY A 107 24.28 10.21 2.01
CA GLY A 107 25.29 10.57 3.01
C GLY A 107 25.22 12.02 3.46
N ASP A 108 24.04 12.43 3.93
CA ASP A 108 23.82 13.76 4.50
C ASP A 108 23.31 13.65 5.93
N LYS A 109 23.50 14.72 6.71
CA LYS A 109 23.06 14.74 8.11
C LYS A 109 21.56 14.94 8.27
N LEU A 110 20.93 14.00 8.97
CA LEU A 110 19.53 14.12 9.34
C LEU A 110 19.43 14.22 10.85
N MET A 111 18.74 15.26 11.32
CA MET A 111 18.49 15.43 12.74
C MET A 111 17.08 14.94 13.05
N ALA A 112 16.99 13.90 13.88
CA ALA A 112 15.71 13.29 14.22
C ALA A 112 15.69 12.83 15.66
N LEU A 113 14.49 12.62 16.19
CA LEU A 113 14.28 12.12 17.53
C LEU A 113 14.60 10.63 17.54
N SER A 114 15.49 10.21 18.43
CA SER A 114 15.98 8.83 18.46
C SER A 114 14.91 7.80 18.80
N VAL A 115 15.08 6.58 18.28
CA VAL A 115 14.15 5.47 18.53
C VAL A 115 13.93 5.20 20.02
N PRO A 116 15.01 5.08 20.83
CA PRO A 116 14.79 4.89 22.26
C PRO A 116 14.01 6.04 22.90
N ASP A 117 14.24 7.27 22.43
CA ASP A 117 13.56 8.45 22.94
C ASP A 117 12.17 8.64 22.34
N GLY A 118 11.75 7.71 21.48
CA GLY A 118 10.39 7.69 20.97
C GLY A 118 10.23 8.04 19.50
N GLY A 119 11.34 8.13 18.78
CA GLY A 119 11.30 8.40 17.34
C GLY A 119 10.79 7.20 16.57
N HIS A 120 10.59 7.37 15.26
CA HIS A 120 10.12 6.27 14.44
C HIS A 120 11.27 5.54 13.73
N ILE A 121 11.10 4.23 13.56
CA ILE A 121 12.07 3.38 12.87
C ILE A 121 12.53 3.99 11.54
N SER A 122 11.59 4.56 10.80
CA SER A 122 11.83 5.21 9.50
C SER A 122 13.05 6.14 9.51
N HIS A 123 13.07 7.02 10.51
CA HIS A 123 14.05 8.12 10.62
C HIS A 123 15.50 7.66 10.77
N TRP A 124 15.72 6.37 11.05
CA TRP A 124 17.05 5.89 11.46
C TRP A 124 17.73 4.87 10.53
N LYS A 125 19.02 4.65 10.79
CA LYS A 125 19.92 3.82 9.96
C LYS A 125 19.40 2.41 9.62
N VAL A 126 18.35 1.99 10.31
CA VAL A 126 17.79 0.65 10.13
C VAL A 126 16.60 0.64 9.16
N SER A 127 16.13 1.83 8.78
CA SER A 127 14.98 1.94 7.88
C SER A 127 14.60 2.58 6.54
N ALA A 128 14.23 3.86 6.55
CA ALA A 128 14.22 4.78 5.41
C ALA A 128 15.49 5.62 5.26
N ALA A 129 16.00 6.13 6.38
CA ALA A 129 17.24 6.91 6.38
C ALA A 129 18.47 6.04 6.13
N GLY A 130 18.32 4.73 6.34
CA GLY A 130 19.38 3.77 6.03
C GLY A 130 19.47 3.45 4.54
N ILE A 131 18.49 3.95 3.78
CA ILE A 131 18.43 3.72 2.34
C ILE A 131 19.01 4.90 1.56
N ARG A 132 18.82 6.12 2.05
CA ARG A 132 19.28 7.33 1.37
C ARG A 132 20.38 8.09 2.13
N GLY A 133 19.96 8.89 3.12
CA GLY A 133 20.87 9.75 3.88
C GLY A 133 21.38 9.08 5.15
N LEU A 134 22.54 8.43 5.03
CA LEU A 134 23.09 7.55 6.06
C LEU A 134 23.23 8.21 7.44
N LYS A 135 23.92 9.36 7.50
CA LYS A 135 24.26 9.99 8.78
C LYS A 135 23.09 10.62 9.51
N VAL A 136 22.62 9.94 10.56
CA VAL A 136 21.52 10.44 11.39
C VAL A 136 22.03 10.83 12.78
N ILE A 137 21.71 12.06 13.18
CA ILE A 137 22.04 12.56 14.52
C ILE A 137 20.75 12.80 15.31
N ASN A 138 20.80 12.55 16.61
CA ASN A 138 19.60 12.64 17.45
C ASN A 138 19.31 14.04 17.99
N HIS A 139 18.04 14.34 18.17
CA HIS A 139 17.60 15.51 18.94
C HIS A 139 17.98 15.28 20.40
N PRO A 140 18.50 16.32 21.07
CA PRO A 140 18.68 16.24 22.52
C PRO A 140 17.33 16.07 23.19
N PHE A 141 17.21 15.05 24.03
CA PHE A 141 15.92 14.70 24.62
C PHE A 141 15.89 14.94 26.13
N ASP A 142 14.73 15.38 26.61
CA ASP A 142 14.52 15.67 28.03
C ASP A 142 13.57 14.63 28.61
N PRO A 143 14.12 13.53 29.20
CA PRO A 143 13.30 12.40 29.65
C PRO A 143 12.35 12.73 30.81
N GLU A 144 12.68 13.75 31.60
CA GLU A 144 11.82 14.19 32.71
C GLU A 144 10.57 14.89 32.16
N GLU A 145 10.75 15.66 31.10
CA GLU A 145 9.64 16.07 30.25
C GLU A 145 9.40 14.88 29.30
N MET A 146 8.58 15.05 28.28
CA MET A 146 8.55 14.05 27.22
C MET A 146 8.64 14.79 25.90
N ASN A 147 9.79 15.41 25.69
CA ASN A 147 9.97 16.35 24.62
C ASN A 147 11.43 16.61 24.34
N ILE A 148 11.70 17.22 23.18
CA ILE A 148 13.05 17.58 22.77
C ILE A 148 13.60 18.72 23.65
N ASP A 149 14.86 18.61 24.05
CA ASP A 149 15.54 19.67 24.77
C ASP A 149 15.79 20.83 23.80
N ALA A 150 14.79 21.69 23.68
CA ALA A 150 14.77 22.78 22.70
C ALA A 150 16.00 23.66 22.75
N ASP A 151 16.45 23.98 23.96
CA ASP A 151 17.57 24.88 24.18
C ASP A 151 18.86 24.27 23.65
N ALA A 152 19.06 22.99 23.95
CA ALA A 152 20.22 22.23 23.48
C ALA A 152 20.14 21.97 21.98
N MET A 153 18.91 21.79 21.49
CA MET A 153 18.67 21.55 20.08
C MET A 153 19.22 22.67 19.21
N VAL A 154 18.80 23.91 19.49
CA VAL A 154 19.26 25.09 18.77
C VAL A 154 20.79 25.10 18.67
N LYS A 155 21.45 24.82 19.79
CA LYS A 155 22.91 24.75 19.84
C LYS A 155 23.46 23.68 18.89
N LYS A 156 22.83 22.51 18.88
CA LYS A 156 23.28 21.39 18.04
C LYS A 156 23.08 21.67 16.54
N ILE A 157 21.97 22.33 16.20
CA ILE A 157 21.73 22.75 14.81
C ILE A 157 22.97 23.48 14.30
N LEU A 158 23.41 24.46 15.07
CA LEU A 158 24.53 25.33 14.72
C LEU A 158 25.85 24.58 14.67
N GLU A 159 26.07 23.68 15.64
CA GLU A 159 27.32 22.92 15.74
C GLU A 159 27.48 21.84 14.69
N GLU A 160 26.46 21.00 14.52
CA GLU A 160 26.55 19.84 13.65
C GLU A 160 26.16 20.15 12.20
N LYS A 161 25.36 21.20 12.02
CA LYS A 161 24.89 21.64 10.69
C LYS A 161 24.19 20.55 9.87
N PRO A 162 22.98 20.13 10.29
CA PRO A 162 22.24 19.15 9.49
C PRO A 162 21.56 19.82 8.30
N LYS A 163 21.27 19.05 7.25
CA LYS A 163 20.55 19.58 6.10
C LYS A 163 19.04 19.35 6.25
N LEU A 164 18.66 18.32 6.98
CA LEU A 164 17.25 18.10 7.27
C LEU A 164 16.98 17.85 8.75
N ILE A 165 16.11 18.69 9.32
CA ILE A 165 15.67 18.57 10.69
C ILE A 165 14.28 17.95 10.68
N LEU A 166 14.10 16.91 11.48
CA LEU A 166 12.87 16.16 11.47
C LEU A 166 12.22 16.17 12.84
N PHE A 167 10.97 16.62 12.90
CA PHE A 167 10.18 16.56 14.12
C PHE A 167 9.10 15.48 14.01
N GLY A 168 8.52 15.10 15.14
CA GLY A 168 7.53 14.04 15.19
C GLY A 168 8.13 12.73 15.67
N GLY A 169 7.30 11.88 16.25
CA GLY A 169 7.76 10.60 16.77
C GLY A 169 6.65 9.60 16.98
N SER A 170 7.02 8.36 17.27
CA SER A 170 6.06 7.31 17.56
C SER A 170 5.50 7.50 18.97
N LEU A 171 6.37 7.93 19.89
CA LEU A 171 5.96 8.25 21.26
C LEU A 171 5.91 9.77 21.36
N PHE A 172 4.69 10.31 21.24
CA PHE A 172 4.52 11.73 20.99
C PHE A 172 3.42 12.35 21.86
N PRO A 173 3.73 12.62 23.14
CA PRO A 173 2.72 13.19 24.05
C PRO A 173 2.65 14.73 24.12
N PHE A 174 3.75 15.41 23.78
CA PHE A 174 3.78 16.88 23.80
C PHE A 174 4.38 17.46 22.53
N PRO A 175 3.82 18.59 22.04
CA PRO A 175 4.24 19.18 20.77
C PRO A 175 5.73 19.52 20.72
N HIS A 176 6.33 19.31 19.55
CA HIS A 176 7.75 19.56 19.36
C HIS A 176 8.06 21.04 19.17
N PRO A 177 9.25 21.48 19.62
CA PRO A 177 9.69 22.85 19.44
C PRO A 177 10.10 23.14 17.99
N VAL A 178 9.12 23.29 17.10
CA VAL A 178 9.42 23.54 15.69
C VAL A 178 9.97 24.97 15.50
N ALA A 179 9.30 25.94 16.11
CA ALA A 179 9.65 27.36 15.97
C ALA A 179 11.01 27.72 16.56
N ASP A 180 11.44 26.95 17.55
CA ASP A 180 12.73 27.17 18.20
C ASP A 180 13.88 26.81 17.27
N ALA A 181 13.61 25.88 16.35
CA ALA A 181 14.59 25.40 15.40
C ALA A 181 14.74 26.33 14.19
N TYR A 182 13.66 26.99 13.81
CA TYR A 182 13.57 27.71 12.53
C TYR A 182 14.77 28.60 12.22
N GLU A 183 14.99 29.59 13.08
CA GLU A 183 16.00 30.61 12.85
C GLU A 183 17.41 30.03 12.74
N ALA A 184 17.68 29.02 13.57
CA ALA A 184 18.95 28.29 13.55
C ALA A 184 19.08 27.44 12.28
N ALA A 185 17.97 26.87 11.83
CA ALA A 185 17.96 26.05 10.62
C ALA A 185 18.17 26.90 9.38
N GLN A 186 17.52 28.06 9.34
CA GLN A 186 17.61 28.98 8.21
C GLN A 186 19.03 29.50 8.04
N GLU A 187 19.76 29.59 9.16
CA GLU A 187 21.15 30.03 9.16
C GLU A 187 22.07 28.96 8.60
N VAL A 188 21.86 27.72 9.03
CA VAL A 188 22.68 26.58 8.67
C VAL A 188 22.40 26.11 7.23
N GLY A 189 21.31 26.59 6.66
CA GLY A 189 20.88 26.19 5.33
C GLY A 189 20.18 24.84 5.39
N ALA A 190 19.40 24.64 6.45
CA ALA A 190 18.67 23.40 6.64
C ALA A 190 17.19 23.58 6.36
N LYS A 191 16.57 22.52 5.87
CA LYS A 191 15.11 22.49 5.80
C LYS A 191 14.57 21.71 6.98
N ILE A 192 13.28 21.84 7.21
CA ILE A 192 12.67 21.32 8.40
C ILE A 192 11.34 20.65 8.06
N ALA A 193 11.24 19.38 8.40
CA ALA A 193 10.07 18.57 8.08
C ALA A 193 9.46 18.00 9.34
N TYR A 194 8.17 17.71 9.30
CA TYR A 194 7.42 17.27 10.46
C TYR A 194 6.68 15.99 10.11
N ASP A 195 7.07 14.89 10.71
CA ASP A 195 6.39 13.61 10.49
C ASP A 195 5.15 13.56 11.35
N GLY A 196 4.02 13.94 10.79
CA GLY A 196 2.76 13.99 11.51
C GLY A 196 2.06 12.66 11.60
N ALA A 197 2.75 11.58 11.19
CA ALA A 197 2.17 10.24 11.11
C ALA A 197 1.16 9.93 12.21
N HIS A 198 1.57 10.11 13.46
CA HIS A 198 0.69 9.81 14.59
C HIS A 198 -0.33 10.90 14.86
N VAL A 199 0.04 12.15 14.58
CA VAL A 199 -0.72 13.30 15.08
C VAL A 199 -1.49 14.07 14.01
N LEU A 200 -1.42 13.61 12.75
CA LEU A 200 -2.01 14.32 11.62
C LEU A 200 -3.48 14.70 11.84
N GLY A 201 -4.25 13.79 12.43
CA GLY A 201 -5.66 14.03 12.71
C GLY A 201 -5.93 15.20 13.64
N LEU A 202 -5.09 15.35 14.66
CA LEU A 202 -5.23 16.45 15.62
C LEU A 202 -4.84 17.76 14.97
N ILE A 203 -3.81 17.72 14.13
CA ILE A 203 -3.35 18.90 13.40
C ILE A 203 -4.43 19.36 12.43
N ALA A 204 -5.03 18.42 11.73
CA ALA A 204 -6.16 18.70 10.85
C ALA A 204 -7.35 19.26 11.64
N GLY A 205 -7.49 18.82 12.89
CA GLY A 205 -8.50 19.36 13.79
C GLY A 205 -8.01 20.59 14.56
N LYS A 206 -6.81 21.06 14.21
CA LYS A 206 -6.23 22.30 14.74
C LYS A 206 -5.93 22.28 16.23
N GLN A 207 -5.44 21.14 16.74
CA GLN A 207 -5.37 20.95 18.20
C GLN A 207 -4.00 20.72 18.85
N PHE A 208 -3.06 20.13 18.12
CA PHE A 208 -1.78 19.76 18.75
C PHE A 208 -0.76 20.89 18.64
N GLN A 209 -0.40 21.20 17.39
CA GLN A 209 0.41 22.35 17.05
C GLN A 209 0.21 22.62 15.56
N ASP A 210 0.74 23.74 15.08
CA ASP A 210 0.59 24.13 13.67
C ASP A 210 1.95 24.24 12.99
N PRO A 211 2.58 23.08 12.67
CA PRO A 211 3.96 23.06 12.18
C PRO A 211 4.22 23.92 10.94
N LEU A 212 3.28 23.91 10.00
CA LEU A 212 3.39 24.71 8.77
C LEU A 212 3.45 26.21 9.03
N ARG A 213 2.88 26.64 10.15
CA ARG A 213 2.93 28.04 10.57
C ARG A 213 3.84 28.24 11.77
N GLU A 214 4.73 27.27 11.97
CA GLU A 214 5.73 27.32 13.04
C GLU A 214 7.14 27.13 12.50
N GLY A 215 7.28 26.93 11.20
CA GLY A 215 8.60 26.81 10.57
C GLY A 215 8.86 25.59 9.71
N ALA A 216 7.95 24.62 9.73
CA ALA A 216 8.09 23.41 8.90
C ALA A 216 7.78 23.72 7.44
N GLU A 217 8.67 23.26 6.55
CA GLU A 217 8.44 23.37 5.11
C GLU A 217 7.66 22.18 4.61
N TYR A 218 7.78 21.06 5.34
CA TYR A 218 7.10 19.82 4.99
C TYR A 218 6.32 19.30 6.17
N LEU A 219 5.15 18.75 5.88
CA LEU A 219 4.33 18.04 6.86
C LEU A 219 3.90 16.72 6.26
N MET A 220 4.62 15.65 6.60
CA MET A 220 4.26 14.31 6.15
C MET A 220 3.30 13.72 7.15
N GLY A 221 2.60 12.66 6.75
CA GLY A 221 1.68 11.98 7.63
C GLY A 221 1.15 10.69 7.08
N SER A 222 0.57 9.90 7.97
CA SER A 222 -0.16 8.70 7.62
C SER A 222 -1.63 9.05 7.73
N THR A 223 -2.44 8.52 6.80
CA THR A 223 -3.84 8.87 6.75
C THR A 223 -4.75 7.93 7.55
N HIS A 224 -4.17 7.11 8.41
CA HIS A 224 -4.97 6.19 9.16
C HIS A 224 -4.86 6.19 10.66
N LYS A 225 -4.11 7.10 11.25
CA LYS A 225 -3.87 7.06 12.67
C LYS A 225 -4.67 7.77 13.72
N THR A 226 -4.48 9.06 13.90
CA THR A 226 -5.44 9.98 14.48
C THR A 226 -6.41 10.36 13.37
N PHE A 227 -5.85 10.52 12.18
CA PHE A 227 -6.60 10.84 10.97
C PHE A 227 -7.36 9.59 10.53
N PHE A 228 -8.69 9.61 10.69
CA PHE A 228 -9.51 8.42 10.46
C PHE A 228 -9.80 8.10 9.00
N GLY A 229 -8.79 8.25 8.14
CA GLY A 229 -8.94 7.90 6.74
C GLY A 229 -8.43 6.50 6.47
N PRO A 230 -8.38 6.12 5.18
CA PRO A 230 -7.85 4.80 4.84
C PRO A 230 -6.32 4.80 4.92
N GLN A 231 -5.72 3.63 4.71
CA GLN A 231 -4.27 3.51 4.71
C GLN A 231 -3.69 4.37 3.59
N GLY A 232 -2.48 4.87 3.79
CA GLY A 232 -1.85 5.76 2.83
C GLY A 232 -1.19 6.95 3.50
N GLY A 233 -0.50 7.76 2.71
CA GLY A 233 0.26 8.89 3.22
C GLY A 233 0.03 10.17 2.45
N VAL A 234 0.27 11.28 3.13
CA VAL A 234 0.09 12.61 2.53
C VAL A 234 1.31 13.49 2.79
N ILE A 235 1.73 14.24 1.78
CA ILE A 235 2.81 15.20 1.93
C ILE A 235 2.26 16.60 1.69
N LEU A 236 2.45 17.47 2.67
CA LEU A 236 1.99 18.85 2.58
C LEU A 236 3.18 19.80 2.64
N THR A 237 3.28 20.68 1.65
CA THR A 237 4.43 21.59 1.52
C THR A 237 4.07 22.90 0.80
N THR A 238 5.11 23.64 0.40
CA THR A 238 4.97 24.95 -0.23
C THR A 238 5.03 24.81 -1.74
N LYS A 239 4.57 25.85 -2.46
CA LYS A 239 4.63 25.88 -3.92
C LYS A 239 6.08 25.73 -4.44
N GLU A 240 7.05 26.26 -3.69
CA GLU A 240 8.48 26.11 -3.98
C GLU A 240 8.89 24.66 -4.22
N ASN A 241 8.38 23.77 -3.37
CA ASN A 241 8.77 22.37 -3.37
C ASN A 241 7.85 21.45 -4.16
N ALA A 242 6.79 22.00 -4.72
CA ALA A 242 5.77 21.21 -5.42
C ALA A 242 6.32 20.32 -6.54
N ASP A 243 7.05 20.92 -7.49
CA ASP A 243 7.67 20.17 -8.58
C ASP A 243 8.70 19.17 -8.06
N LYS A 244 9.49 19.60 -7.08
CA LYS A 244 10.49 18.76 -6.45
C LYS A 244 9.90 17.51 -5.80
N ILE A 245 8.81 17.68 -5.05
CA ILE A 245 8.15 16.56 -4.39
C ILE A 245 7.47 15.60 -5.37
N ASP A 246 6.62 16.14 -6.24
CA ASP A 246 5.88 15.35 -7.22
C ASP A 246 6.78 14.38 -7.98
N SER A 247 7.99 14.84 -8.32
CA SER A 247 8.97 14.05 -9.05
C SER A 247 9.51 12.84 -8.26
N HIS A 248 9.56 12.97 -6.94
CA HIS A 248 10.28 12.01 -6.10
C HIS A 248 9.41 10.92 -5.46
N VAL A 249 8.12 11.18 -5.29
CA VAL A 249 7.18 10.15 -4.84
C VAL A 249 6.94 9.16 -5.98
N PHE A 250 7.22 7.89 -5.72
CA PHE A 250 7.28 6.87 -6.78
C PHE A 250 5.98 6.13 -7.11
N PRO A 251 5.27 5.63 -6.11
CA PRO A 251 4.05 4.87 -6.36
C PRO A 251 2.84 5.78 -6.56
N GLY A 252 2.79 6.45 -7.72
CA GLY A 252 1.69 7.34 -8.02
C GLY A 252 1.52 7.12 -9.51
N VAL A 253 0.96 8.13 -10.18
CA VAL A 253 0.24 8.09 -11.45
C VAL A 253 0.77 7.10 -12.50
N VAL A 254 2.09 7.01 -12.61
CA VAL A 254 2.70 6.19 -13.69
C VAL A 254 2.60 4.68 -13.42
N SER A 255 2.91 4.28 -12.20
CA SER A 255 2.89 2.87 -11.80
C SER A 255 2.12 2.66 -10.50
N ASN A 256 1.38 1.55 -10.43
CA ASN A 256 0.56 1.18 -9.27
C ASN A 256 -0.35 2.32 -8.79
N HIS A 257 -1.43 2.56 -9.54
CA HIS A 257 -2.33 3.71 -9.30
C HIS A 257 -2.78 3.79 -7.84
N HIS A 258 -3.35 2.70 -7.34
CA HIS A 258 -3.78 2.60 -5.93
C HIS A 258 -4.89 3.62 -5.61
N LEU A 259 -5.79 3.80 -6.59
CA LEU A 259 -6.80 4.86 -6.54
C LEU A 259 -8.12 4.46 -5.89
N HIS A 260 -8.11 3.37 -5.12
CA HIS A 260 -9.31 2.97 -4.36
C HIS A 260 -9.32 3.55 -2.95
N HIS A 261 -8.13 3.69 -2.35
CA HIS A 261 -8.00 4.33 -1.05
C HIS A 261 -7.99 5.86 -1.19
N LYS A 262 -7.74 6.34 -2.41
CA LYS A 262 -7.83 7.77 -2.70
C LYS A 262 -9.29 8.23 -2.73
N ALA A 263 -10.18 7.36 -3.19
CA ALA A 263 -11.62 7.62 -3.14
C ALA A 263 -12.08 7.80 -1.69
N GLY A 264 -11.64 6.88 -0.82
CA GLY A 264 -11.96 6.92 0.60
C GLY A 264 -11.29 8.04 1.36
N LEU A 265 -10.12 8.45 0.89
CA LEU A 265 -9.38 9.58 1.45
C LEU A 265 -10.19 10.85 1.33
N ALA A 266 -10.74 11.09 0.13
CA ALA A 266 -11.55 12.27 -0.16
C ALA A 266 -12.72 12.43 0.80
N ILE A 267 -13.38 11.32 1.14
CA ILE A 267 -14.48 11.33 2.11
C ILE A 267 -13.96 11.67 3.51
N ALA A 268 -12.86 11.01 3.91
CA ALA A 268 -12.23 11.26 5.20
C ALA A 268 -11.80 12.72 5.33
N LEU A 269 -11.34 13.29 4.21
CA LEU A 269 -11.01 14.71 4.13
C LEU A 269 -12.24 15.58 4.40
N ALA A 270 -13.38 15.21 3.82
CA ALA A 270 -14.63 15.92 4.08
C ALA A 270 -15.04 15.80 5.55
N GLU A 271 -14.93 14.59 6.10
CA GLU A 271 -15.27 14.32 7.49
C GLU A 271 -14.40 15.11 8.45
N MET A 272 -13.10 15.20 8.14
CA MET A 272 -12.16 15.99 8.95
C MET A 272 -12.40 17.49 8.83
N LEU A 273 -12.94 17.93 7.70
CA LEU A 273 -13.29 19.34 7.50
C LEU A 273 -14.52 19.74 8.31
N GLU A 274 -15.49 18.86 8.40
CA GLU A 274 -16.76 19.14 9.10
C GLU A 274 -16.71 18.81 10.60
N PHE A 275 -16.04 17.71 10.95
CA PHE A 275 -16.09 17.20 12.32
C PHE A 275 -14.71 17.17 13.00
N GLY A 276 -13.68 17.53 12.24
CA GLY A 276 -12.29 17.42 12.70
C GLY A 276 -11.96 18.20 13.96
N GLU A 277 -12.39 19.45 14.03
CA GLU A 277 -12.19 20.27 15.22
C GLU A 277 -12.79 19.59 16.45
N ALA A 278 -14.10 19.34 16.41
CA ALA A 278 -14.79 18.66 17.49
C ALA A 278 -14.08 17.36 17.87
N TYR A 279 -13.86 16.50 16.89
CA TYR A 279 -13.20 15.20 17.09
C TYR A 279 -11.87 15.34 17.84
N ALA A 280 -10.97 16.16 17.31
CA ALA A 280 -9.63 16.31 17.87
C ALA A 280 -9.63 16.84 19.31
N LYS A 281 -10.49 17.81 19.58
CA LYS A 281 -10.67 18.36 20.93
C LYS A 281 -10.98 17.25 21.92
N GLN A 282 -11.91 16.37 21.54
CA GLN A 282 -12.38 15.30 22.42
C GLN A 282 -11.29 14.25 22.63
N VAL A 283 -10.52 13.97 21.57
CA VAL A 283 -9.43 13.00 21.66
C VAL A 283 -8.45 13.35 22.78
N ILE A 284 -7.94 14.59 22.78
CA ILE A 284 -7.04 15.06 23.85
C ILE A 284 -7.73 15.03 25.23
N LYS A 285 -8.97 15.55 25.29
CA LYS A 285 -9.75 15.54 26.52
C LYS A 285 -9.93 14.13 27.09
N ASN A 286 -10.23 13.18 26.22
CA ASN A 286 -10.35 11.78 26.61
C ASN A 286 -9.01 11.24 27.10
N ALA A 287 -7.95 11.52 26.34
CA ALA A 287 -6.61 11.09 26.69
C ALA A 287 -6.20 11.62 28.05
N LYS A 288 -6.52 12.88 28.31
CA LYS A 288 -6.23 13.50 29.60
C LYS A 288 -7.04 12.85 30.72
N ALA A 289 -8.35 12.72 30.50
CA ALA A 289 -9.24 12.11 31.48
C ALA A 289 -8.83 10.68 31.82
N LEU A 290 -8.54 9.90 30.79
CA LEU A 290 -8.11 8.51 30.94
C LEU A 290 -6.78 8.42 31.70
N ALA A 291 -5.86 9.34 31.41
CA ALA A 291 -4.57 9.39 32.11
C ALA A 291 -4.78 9.71 33.59
N GLN A 292 -5.55 10.77 33.86
CA GLN A 292 -5.84 11.21 35.23
C GLN A 292 -6.57 10.10 36.01
N ALA A 293 -7.50 9.43 35.35
CA ALA A 293 -8.25 8.33 35.95
C ALA A 293 -7.34 7.14 36.29
N LEU A 294 -6.34 6.90 35.45
CA LEU A 294 -5.36 5.84 35.70
C LEU A 294 -4.40 6.19 36.82
N TYR A 295 -3.97 7.46 36.87
CA TYR A 295 -3.01 7.94 37.86
C TYR A 295 -3.56 7.82 39.27
N GLU A 296 -4.76 8.38 39.46
CA GLU A 296 -5.46 8.32 40.75
C GLU A 296 -5.65 6.90 41.24
N ARG A 297 -5.50 5.94 40.32
CA ARG A 297 -5.80 4.55 40.58
C ARG A 297 -4.55 3.71 40.87
N GLY A 298 -3.37 4.33 40.76
CA GLY A 298 -2.11 3.65 41.07
C GLY A 298 -1.17 3.43 39.90
N PHE A 299 -1.59 3.86 38.71
CA PHE A 299 -0.77 3.73 37.50
C PHE A 299 0.18 4.92 37.37
N ASN A 300 1.49 4.65 37.35
CA ASN A 300 2.47 5.70 37.14
C ASN A 300 2.53 6.19 35.68
N VAL A 301 1.49 6.91 35.28
CA VAL A 301 1.42 7.48 33.93
C VAL A 301 2.28 8.74 33.87
N LEU A 302 3.09 8.81 32.82
CA LEU A 302 4.14 9.82 32.67
C LEU A 302 3.68 11.27 32.72
N CYS A 303 4.50 12.11 33.35
CA CYS A 303 4.38 13.57 33.34
C CYS A 303 3.11 14.15 33.98
N GLU A 304 2.85 13.78 35.23
CA GLU A 304 1.66 14.25 35.94
C GLU A 304 1.69 15.77 36.16
N HIS A 305 2.89 16.33 36.25
CA HIS A 305 3.09 17.77 36.44
C HIS A 305 2.75 18.58 35.20
N LYS A 306 2.71 17.90 34.04
CA LYS A 306 2.39 18.54 32.77
C LYS A 306 1.01 18.13 32.24
N ASP A 307 0.19 17.57 33.13
CA ASP A 307 -1.14 17.05 32.79
C ASP A 307 -1.10 15.89 31.77
N PHE A 308 -0.07 15.07 31.89
CA PHE A 308 0.05 13.78 31.19
C PHE A 308 0.24 13.83 29.68
N THR A 309 -0.62 14.56 28.97
CA THR A 309 -0.58 14.60 27.52
C THR A 309 -1.11 15.89 26.91
N GLU A 310 -0.70 16.16 25.67
CA GLU A 310 -1.34 17.16 24.85
C GLU A 310 -1.80 16.54 23.53
N SER A 311 -1.70 15.21 23.45
CA SER A 311 -2.09 14.48 22.24
C SER A 311 -3.10 13.38 22.58
N HIS A 312 -3.11 12.33 21.78
CA HIS A 312 -4.06 11.23 21.90
C HIS A 312 -3.50 10.11 22.77
N GLN A 313 -2.21 10.21 23.08
CA GLN A 313 -1.48 9.13 23.72
C GLN A 313 -1.49 9.23 25.24
N VAL A 314 -1.36 8.07 25.89
CA VAL A 314 -1.17 8.00 27.34
C VAL A 314 -0.05 6.99 27.58
N ILE A 315 1.08 7.48 28.06
CA ILE A 315 2.22 6.62 28.33
C ILE A 315 2.33 6.35 29.82
N ILE A 316 2.31 5.08 30.19
CA ILE A 316 2.39 4.65 31.59
C ILE A 316 3.64 3.81 31.83
N ASP A 317 4.40 4.15 32.87
CA ASP A 317 5.58 3.39 33.28
C ASP A 317 5.14 2.28 34.22
N ILE A 318 5.22 1.04 33.74
CA ILE A 318 4.81 -0.14 34.51
C ILE A 318 5.88 -0.59 35.50
N GLU A 319 7.12 -0.69 35.05
CA GLU A 319 8.22 -1.18 35.90
C GLU A 319 8.33 -0.36 37.19
N SER A 320 8.23 0.96 37.06
CA SER A 320 8.24 1.85 38.21
C SER A 320 6.81 2.21 38.68
N SER A 321 5.91 1.23 38.57
CA SER A 321 4.61 1.30 39.21
C SER A 321 4.62 0.27 40.35
N PRO A 322 4.86 0.73 41.59
CA PRO A 322 5.00 -0.16 42.75
C PRO A 322 3.78 -1.05 43.00
N ASP A 323 2.58 -0.50 42.78
CA ASP A 323 1.33 -1.21 43.05
C ASP A 323 1.01 -2.36 42.09
N ILE A 324 1.51 -2.27 40.86
CA ILE A 324 1.13 -3.23 39.80
C ILE A 324 1.66 -4.66 40.03
N GLU A 325 2.99 -4.81 40.07
CA GLU A 325 3.65 -6.09 40.36
C GLU A 325 3.74 -7.04 39.14
N PHE A 326 3.03 -6.69 38.06
CA PHE A 326 3.15 -7.41 36.80
C PHE A 326 4.15 -6.73 35.88
N SER A 327 4.71 -7.49 34.95
CA SER A 327 5.60 -6.93 33.93
C SER A 327 4.81 -6.13 32.91
N ALA A 328 5.47 -5.16 32.28
CA ALA A 328 4.87 -4.40 31.19
C ALA A 328 4.47 -5.34 30.05
N SER A 329 5.33 -6.33 29.79
CA SER A 329 5.10 -7.31 28.74
C SER A 329 3.94 -8.24 29.08
N GLU A 330 3.88 -8.67 30.35
CA GLU A 330 2.82 -9.54 30.85
C GLU A 330 1.44 -8.89 30.79
N LEU A 331 1.36 -7.63 31.20
CA LEU A 331 0.11 -6.88 31.20
C LEU A 331 -0.51 -6.77 29.82
N ALA A 332 0.34 -6.52 28.82
CA ALA A 332 -0.11 -6.45 27.43
C ALA A 332 -0.80 -7.74 27.01
N LYS A 333 -0.22 -8.88 27.39
CA LYS A 333 -0.79 -10.19 27.10
C LYS A 333 -2.04 -10.46 27.94
N MET A 334 -2.04 -9.94 29.17
CA MET A 334 -3.17 -10.09 30.09
C MET A 334 -4.40 -9.29 29.64
N TYR A 335 -4.17 -8.06 29.22
CA TYR A 335 -5.24 -7.17 28.74
C TYR A 335 -5.88 -7.71 27.47
N GLU A 336 -5.09 -8.43 26.67
CA GLU A 336 -5.55 -9.10 25.46
C GLU A 336 -6.60 -10.18 25.80
N GLU A 337 -6.33 -10.93 26.87
CA GLU A 337 -7.29 -11.92 27.36
C GLU A 337 -8.51 -11.27 28.00
N ALA A 338 -8.40 -10.00 28.35
CA ALA A 338 -9.50 -9.26 28.98
C ALA A 338 -10.19 -8.31 27.99
N ASN A 339 -9.88 -8.46 26.72
CA ASN A 339 -10.45 -7.65 25.63
C ASN A 339 -10.09 -6.15 25.69
N ILE A 340 -8.94 -5.86 26.29
CA ILE A 340 -8.40 -4.50 26.28
C ILE A 340 -7.13 -4.53 25.43
N ILE A 341 -7.25 -4.08 24.19
CA ILE A 341 -6.14 -4.17 23.25
C ILE A 341 -5.31 -2.88 23.26
N LEU A 342 -4.05 -3.06 23.64
CA LEU A 342 -3.07 -1.99 23.73
C LEU A 342 -1.71 -2.57 23.36
N ASN A 343 -0.67 -1.74 23.38
CA ASN A 343 0.67 -2.23 23.08
C ASN A 343 1.73 -1.80 24.10
N LYS A 344 2.63 -2.74 24.41
CA LYS A 344 3.79 -2.46 25.26
C LYS A 344 4.83 -1.67 24.47
N ASN A 345 5.56 -0.80 25.16
CA ASN A 345 6.49 0.11 24.50
C ASN A 345 7.77 0.38 25.27
N LEU A 346 8.89 0.47 24.55
CA LEU A 346 10.16 0.88 25.12
C LEU A 346 10.10 2.34 25.56
N LEU A 347 10.66 2.63 26.72
CA LEU A 347 10.73 3.99 27.26
C LEU A 347 12.15 4.56 27.10
N PRO A 348 12.29 5.90 27.08
CA PRO A 348 13.58 6.56 26.86
C PRO A 348 14.71 6.06 27.76
N TRP A 349 14.36 5.60 28.95
CA TRP A 349 15.34 5.11 29.93
C TRP A 349 15.50 3.59 29.92
N ASP A 350 14.92 2.92 28.91
CA ASP A 350 15.05 1.48 28.80
C ASP A 350 16.46 1.07 28.39
N ASP A 351 17.13 0.34 29.29
CA ASP A 351 18.55 0.00 29.21
C ASP A 351 19.08 -0.17 27.79
N VAL A 352 18.56 -1.17 27.08
CA VAL A 352 18.95 -1.45 25.71
C VAL A 352 17.72 -1.34 24.82
N ASN A 353 17.91 -0.86 23.59
CA ASN A 353 16.88 -0.95 22.55
C ASN A 353 16.57 -2.41 22.25
N ASN A 354 17.61 -3.24 22.28
CA ASN A 354 17.48 -4.69 22.14
C ASN A 354 16.92 -5.31 23.43
N SER A 355 15.67 -4.95 23.73
CA SER A 355 14.99 -5.48 24.91
C SER A 355 13.60 -6.00 24.56
N ASP A 356 13.41 -7.30 24.76
CA ASP A 356 12.12 -7.95 24.57
C ASP A 356 11.15 -7.58 25.69
N ASN A 357 11.71 -7.14 26.83
CA ASN A 357 10.94 -6.70 27.98
C ASN A 357 11.02 -5.19 28.18
N PRO A 358 10.09 -4.44 27.58
CA PRO A 358 10.06 -3.00 27.74
C PRO A 358 9.47 -2.59 29.09
N SER A 359 9.60 -1.31 29.43
CA SER A 359 9.17 -0.81 30.74
C SER A 359 7.78 -0.19 30.72
N GLY A 360 7.35 0.29 29.56
CA GLY A 360 6.13 1.07 29.46
C GLY A 360 5.00 0.48 28.65
N ILE A 361 3.81 1.08 28.79
CA ILE A 361 2.65 0.73 27.99
C ILE A 361 2.07 2.00 27.34
N ARG A 362 1.84 1.94 26.02
CA ARG A 362 1.30 3.08 25.28
C ARG A 362 -0.19 2.88 24.97
N LEU A 363 -0.96 3.94 25.15
CA LEU A 363 -2.40 3.95 24.91
C LEU A 363 -2.77 5.07 23.97
N GLY A 364 -3.83 4.86 23.17
CA GLY A 364 -4.40 5.90 22.32
C GLY A 364 -5.91 5.93 22.39
N THR A 365 -6.49 7.13 22.39
CA THR A 365 -7.93 7.29 22.61
C THR A 365 -8.72 7.68 21.35
N GLN A 366 -8.07 7.63 20.18
CA GLN A 366 -8.68 8.07 18.91
C GLN A 366 -9.89 7.24 18.48
N GLU A 367 -9.80 5.92 18.60
CA GLU A 367 -10.86 5.02 18.15
C GLU A 367 -12.05 5.04 19.10
N CYS A 368 -11.77 5.03 20.40
CA CYS A 368 -12.81 5.15 21.43
C CYS A 368 -13.57 6.46 21.28
N THR A 369 -12.88 7.51 20.84
CA THR A 369 -13.50 8.80 20.59
C THR A 369 -14.40 8.73 19.36
N ARG A 370 -13.94 8.05 18.32
CA ARG A 370 -14.74 7.82 17.11
C ARG A 370 -15.99 7.01 17.41
N LEU A 371 -15.88 6.11 18.39
CA LEU A 371 -16.98 5.24 18.77
C LEU A 371 -17.95 5.90 19.75
N GLY A 372 -17.68 7.18 20.09
CA GLY A 372 -18.61 7.98 20.88
C GLY A 372 -18.36 8.05 22.38
N MET A 373 -17.20 7.56 22.82
CA MET A 373 -16.85 7.60 24.25
C MET A 373 -16.40 8.99 24.67
N LYS A 374 -16.83 9.40 25.87
CA LYS A 374 -16.40 10.66 26.46
C LYS A 374 -15.68 10.39 27.78
N GLU A 375 -15.27 11.46 28.48
CA GLU A 375 -14.44 11.36 29.68
C GLU A 375 -14.93 10.34 30.73
N LYS A 376 -16.24 10.29 30.95
CA LYS A 376 -16.84 9.29 31.86
C LYS A 376 -16.42 7.87 31.52
N GLU A 377 -16.46 7.53 30.23
CA GLU A 377 -16.10 6.20 29.73
C GLU A 377 -14.63 5.88 29.97
N MET A 378 -13.79 6.92 29.91
CA MET A 378 -12.36 6.79 30.16
C MET A 378 -12.09 6.30 31.58
N GLU A 379 -12.86 6.83 32.54
CA GLU A 379 -12.77 6.43 33.93
C GLU A 379 -13.15 4.96 34.13
N GLU A 380 -14.13 4.49 33.36
CA GLU A 380 -14.55 3.09 33.37
C GLU A 380 -13.46 2.17 32.81
N ILE A 381 -12.80 2.63 31.75
CA ILE A 381 -11.70 1.89 31.12
C ILE A 381 -10.53 1.73 32.08
N ALA A 382 -10.22 2.80 32.80
CA ALA A 382 -9.19 2.78 33.83
C ALA A 382 -9.55 1.81 34.95
N GLU A 383 -10.84 1.76 35.30
CA GLU A 383 -11.33 0.88 36.34
C GLU A 383 -11.14 -0.59 35.97
N PHE A 384 -11.42 -0.93 34.71
CA PHE A 384 -11.16 -2.27 34.19
C PHE A 384 -9.68 -2.62 34.25
N MET A 385 -8.85 -1.67 33.82
CA MET A 385 -7.39 -1.84 33.78
C MET A 385 -6.81 -2.07 35.17
N LYS A 386 -7.31 -1.32 36.15
CA LYS A 386 -6.89 -1.45 37.55
C LYS A 386 -7.21 -2.83 38.10
N ARG A 387 -8.40 -3.32 37.77
CA ARG A 387 -8.85 -4.65 38.20
C ARG A 387 -7.86 -5.75 37.83
N ILE A 388 -7.34 -5.69 36.61
CA ILE A 388 -6.33 -6.65 36.15
C ILE A 388 -4.97 -6.39 36.79
N ALA A 389 -4.51 -5.14 36.73
CA ALA A 389 -3.14 -4.79 37.09
C ALA A 389 -2.89 -4.74 38.59
N ILE A 390 -3.82 -4.15 39.34
CA ILE A 390 -3.59 -3.87 40.77
C ILE A 390 -4.39 -4.79 41.70
N ASP A 391 -5.66 -5.02 41.37
CA ASP A 391 -6.51 -5.94 42.14
C ASP A 391 -6.17 -7.41 41.87
N LYS A 392 -5.41 -7.64 40.80
CA LYS A 392 -5.02 -8.99 40.34
C LYS A 392 -6.21 -9.87 39.97
N GLU A 393 -7.28 -9.24 39.50
CA GLU A 393 -8.50 -9.93 39.07
C GLU A 393 -8.22 -10.69 37.77
N LYS A 394 -8.73 -11.91 37.68
CA LYS A 394 -8.53 -12.77 36.51
C LYS A 394 -9.08 -12.12 35.23
N PRO A 395 -8.23 -12.05 34.18
CA PRO A 395 -8.59 -11.43 32.90
C PRO A 395 -9.95 -11.87 32.34
N GLU A 396 -10.26 -13.16 32.51
CA GLU A 396 -11.52 -13.72 32.00
C GLU A 396 -12.75 -13.20 32.74
N LYS A 397 -12.58 -12.94 34.04
CA LYS A 397 -13.65 -12.39 34.88
C LYS A 397 -14.06 -10.99 34.44
N VAL A 398 -13.06 -10.13 34.22
CA VAL A 398 -13.30 -8.74 33.81
C VAL A 398 -13.70 -8.68 32.34
N ARG A 399 -13.18 -9.62 31.55
CA ARG A 399 -13.45 -9.70 30.11
C ARG A 399 -14.94 -9.60 29.79
N GLU A 400 -15.75 -10.34 30.54
CA GLU A 400 -17.19 -10.38 30.32
C GLU A 400 -17.84 -9.02 30.59
N ASP A 401 -17.42 -8.35 31.66
CA ASP A 401 -17.86 -7.00 31.97
C ASP A 401 -17.32 -5.99 30.94
N VAL A 402 -16.14 -6.29 30.41
CA VAL A 402 -15.50 -5.46 29.38
C VAL A 402 -16.28 -5.52 28.06
N LYS A 403 -16.67 -6.73 27.66
CA LYS A 403 -17.35 -6.92 26.38
C LYS A 403 -18.78 -6.36 26.37
N GLU A 404 -19.36 -6.22 27.55
CA GLU A 404 -20.67 -5.58 27.69
C GLU A 404 -20.54 -4.06 27.51
N PHE A 405 -19.43 -3.51 27.96
CA PHE A 405 -19.15 -2.08 27.86
C PHE A 405 -18.85 -1.65 26.42
N ALA A 406 -18.13 -2.51 25.68
CA ALA A 406 -17.76 -2.20 24.30
C ALA A 406 -18.92 -2.34 23.33
N LYS A 407 -19.83 -3.29 23.61
CA LYS A 407 -21.01 -3.56 22.76
C LYS A 407 -21.85 -2.31 22.45
N GLU A 408 -21.93 -1.40 23.42
CA GLU A 408 -22.77 -0.21 23.27
C GLU A 408 -22.04 0.97 22.63
N TYR A 409 -20.77 0.78 22.30
CA TYR A 409 -19.99 1.78 21.58
C TYR A 409 -19.49 1.20 20.26
N SER A 410 -20.43 1.02 19.34
CA SER A 410 -20.14 0.42 18.03
C SER A 410 -20.61 1.32 16.88
N THR A 411 -21.23 2.43 17.23
CA THR A 411 -21.67 3.42 16.24
C THR A 411 -20.59 4.48 15.97
N ILE A 412 -20.46 4.88 14.72
CA ILE A 412 -19.39 5.78 14.29
C ILE A 412 -19.79 7.24 14.41
N HIS A 413 -19.14 7.94 15.33
CA HIS A 413 -19.35 9.37 15.51
C HIS A 413 -18.38 10.14 14.63
N TYR A 414 -18.63 11.44 14.46
CA TYR A 414 -17.79 12.32 13.65
C TYR A 414 -17.71 11.89 12.19
N SER A 415 -18.87 11.52 11.65
CA SER A 415 -19.03 11.19 10.24
C SER A 415 -20.36 11.74 9.76
N PHE A 416 -20.69 11.48 8.50
CA PHE A 416 -21.98 11.90 7.94
C PHE A 416 -23.00 10.77 8.05
N ASP A 417 -22.52 9.57 8.33
CA ASP A 417 -23.37 8.39 8.51
C ASP A 417 -23.32 7.92 9.97
N GLU A 418 -24.44 8.04 10.68
CA GLU A 418 -24.52 7.57 12.07
C GLU A 418 -24.58 6.03 12.06
N GLY A 419 -23.64 5.43 11.34
CA GLY A 419 -23.65 4.00 11.06
C GLY A 419 -22.88 3.17 12.05
N ASP A 420 -23.05 1.86 11.94
CA ASP A 420 -22.40 0.90 12.82
C ASP A 420 -21.07 0.46 12.24
N GLY A 421 -19.98 0.79 12.93
CA GLY A 421 -18.68 0.21 12.61
C GLY A 421 -18.73 -1.28 12.88
N PHE A 422 -17.72 -2.02 12.45
CA PHE A 422 -17.69 -3.48 12.63
C PHE A 422 -18.79 -4.19 11.82
N LYS A 423 -19.62 -3.40 11.14
CA LYS A 423 -20.62 -3.93 10.23
C LYS A 423 -19.92 -4.70 9.12
N TYR A 424 -20.42 -5.90 8.84
CA TYR A 424 -19.85 -6.75 7.81
C TYR A 424 -20.74 -6.76 6.56
N LEU A 425 -20.14 -6.39 5.43
CA LEU A 425 -20.85 -6.41 4.16
C LEU A 425 -20.45 -7.62 3.34
N ARG A 426 -21.44 -8.41 2.97
CA ARG A 426 -21.24 -9.57 2.10
C ARG A 426 -21.44 -9.15 0.66
N PHE A 427 -20.52 -9.57 -0.21
CA PHE A 427 -20.55 -9.19 -1.62
C PHE A 427 -21.28 -10.21 -2.50
N TYR A 428 -21.42 -11.44 -2.00
CA TYR A 428 -22.07 -12.52 -2.75
C TYR A 428 -22.96 -13.37 -1.86
N MET B 1 -21.86 22.80 4.03
CA MET B 1 -20.53 22.57 3.42
C MET B 1 -20.09 21.11 3.55
N TYR B 2 -19.34 20.63 2.56
CA TYR B 2 -18.72 19.30 2.56
C TYR B 2 -19.65 18.10 2.75
N SER B 3 -20.96 18.37 2.86
CA SER B 3 -21.99 17.32 2.93
C SER B 3 -22.09 16.51 1.66
N ASP B 4 -21.90 17.16 0.51
CA ASP B 4 -22.11 16.53 -0.79
C ASP B 4 -20.91 15.72 -1.31
N VAL B 5 -19.78 15.80 -0.61
CA VAL B 5 -18.56 15.07 -1.01
C VAL B 5 -18.72 13.54 -0.95
N PRO B 6 -19.26 13.00 0.17
CA PRO B 6 -19.56 11.56 0.19
C PRO B 6 -20.46 11.12 -0.96
N LYS B 7 -21.52 11.89 -1.22
CA LYS B 7 -22.45 11.62 -2.32
C LYS B 7 -21.80 11.76 -3.70
N PHE B 8 -20.97 12.79 -3.86
CA PHE B 8 -20.26 13.02 -5.12
C PHE B 8 -19.33 11.87 -5.48
N ILE B 9 -18.56 11.37 -4.51
CA ILE B 9 -17.62 10.30 -4.82
C ILE B 9 -18.31 8.93 -4.89
N ARG B 10 -19.42 8.78 -4.16
CA ARG B 10 -20.29 7.61 -4.27
C ARG B 10 -20.88 7.52 -5.68
N ASP B 11 -21.25 8.67 -6.26
CA ASP B 11 -21.86 8.71 -7.59
C ASP B 11 -20.86 8.52 -8.72
N VAL B 12 -19.71 9.19 -8.58
CA VAL B 12 -18.61 9.06 -9.55
C VAL B 12 -18.11 7.62 -9.66
N SER B 13 -17.93 6.97 -8.52
CA SER B 13 -17.44 5.59 -8.50
C SER B 13 -18.43 4.61 -9.10
N ILE B 14 -19.73 4.87 -8.89
CA ILE B 14 -20.79 4.12 -9.57
C ILE B 14 -20.67 4.28 -11.09
N LYS B 15 -20.51 5.53 -11.55
CA LYS B 15 -20.31 5.80 -12.97
C LYS B 15 -19.07 5.07 -13.49
N GLN B 16 -18.00 5.07 -12.70
CA GLN B 16 -16.80 4.30 -13.00
C GLN B 16 -17.09 2.80 -13.15
N HIS B 17 -17.88 2.26 -12.21
CA HIS B 17 -18.30 0.84 -12.26
C HIS B 17 -19.02 0.53 -13.57
N GLU B 18 -19.97 1.40 -13.91
CA GLU B 18 -20.81 1.20 -15.09
C GLU B 18 -19.99 1.34 -16.37
N TRP B 19 -19.12 2.35 -16.42
CA TRP B 19 -18.28 2.59 -17.59
C TRP B 19 -17.36 1.39 -17.88
N MET B 20 -16.65 0.93 -16.86
CA MET B 20 -15.75 -0.20 -17.01
C MET B 20 -16.48 -1.47 -17.43
N ARG B 21 -17.72 -1.63 -16.96
CA ARG B 21 -18.57 -2.76 -17.33
C ARG B 21 -18.79 -2.83 -18.84
N GLU B 22 -19.12 -1.67 -19.43
CA GLU B 22 -19.39 -1.57 -20.86
C GLU B 22 -18.15 -1.11 -21.65
N SER B 23 -16.99 -1.64 -21.25
CA SER B 23 -15.73 -1.37 -21.94
C SER B 23 -14.95 -2.65 -22.15
N ILE B 24 -14.15 -2.69 -23.21
CA ILE B 24 -13.18 -3.76 -23.38
C ILE B 24 -11.89 -3.33 -22.69
N LYS B 25 -11.52 -4.04 -21.64
CA LYS B 25 -10.34 -3.71 -20.86
C LYS B 25 -9.18 -4.57 -21.32
N LEU B 26 -8.12 -3.90 -21.79
CA LEU B 26 -6.99 -4.61 -22.39
C LEU B 26 -5.63 -4.17 -21.85
N ILE B 27 -5.63 -3.48 -20.71
CA ILE B 27 -4.37 -3.10 -20.08
C ILE B 27 -3.75 -4.33 -19.42
N ALA B 28 -2.53 -4.64 -19.84
CA ALA B 28 -1.79 -5.81 -19.37
C ALA B 28 -1.51 -5.76 -17.87
N SER B 29 -1.53 -4.56 -17.32
CA SER B 29 -1.17 -4.31 -15.93
C SER B 29 -2.36 -4.47 -14.96
N GLU B 30 -3.56 -4.60 -15.50
CA GLU B 30 -4.78 -4.63 -14.70
C GLU B 30 -5.61 -5.89 -14.92
N ASN B 31 -5.97 -6.57 -13.83
CA ASN B 31 -6.87 -7.71 -13.88
C ASN B 31 -8.17 -7.36 -13.16
N ILE B 32 -9.09 -8.32 -13.08
CA ILE B 32 -10.30 -8.14 -12.28
C ILE B 32 -10.35 -9.18 -11.17
N THR B 33 -10.88 -8.77 -10.03
CA THR B 33 -10.89 -9.56 -8.81
C THR B 33 -12.31 -10.04 -8.47
N SER B 34 -12.41 -11.27 -7.96
CA SER B 34 -13.70 -11.87 -7.61
C SER B 34 -14.37 -11.20 -6.41
N LEU B 35 -15.68 -11.37 -6.30
CA LEU B 35 -16.45 -10.78 -5.20
C LEU B 35 -16.00 -11.27 -3.83
N ALA B 36 -15.48 -12.49 -3.78
CA ALA B 36 -14.97 -13.08 -2.54
C ALA B 36 -13.70 -12.37 -2.06
N VAL B 37 -12.77 -12.15 -2.98
CA VAL B 37 -11.52 -11.43 -2.68
C VAL B 37 -11.83 -9.98 -2.34
N ARG B 38 -12.74 -9.38 -3.11
CA ARG B 38 -13.19 -8.00 -2.87
C ARG B 38 -13.90 -7.83 -1.54
N GLU B 39 -14.57 -8.89 -1.08
CA GLU B 39 -15.25 -8.89 0.21
C GLU B 39 -14.24 -8.83 1.36
N ALA B 40 -13.09 -9.46 1.16
CA ALA B 40 -12.03 -9.51 2.18
C ALA B 40 -11.25 -8.21 2.28
N CYS B 41 -11.26 -7.43 1.20
CA CYS B 41 -10.54 -6.16 1.14
C CYS B 41 -11.36 -4.99 1.69
N ALA B 42 -12.65 -5.24 1.93
CA ALA B 42 -13.54 -4.26 2.55
C ALA B 42 -13.52 -4.40 4.06
N THR B 43 -12.88 -5.46 4.53
CA THR B 43 -12.72 -5.73 5.96
C THR B 43 -11.33 -5.27 6.38
N ASP B 44 -11.20 -3.96 6.64
CA ASP B 44 -9.89 -3.28 6.74
C ASP B 44 -8.92 -3.84 7.80
N PHE B 45 -9.39 -4.77 8.63
CA PHE B 45 -8.56 -5.45 9.64
C PHE B 45 -7.74 -4.49 10.51
N MET B 46 -8.27 -3.28 10.69
CA MET B 46 -7.58 -2.16 11.33
C MET B 46 -7.23 -2.46 12.78
N GLY B 61 -2.82 -8.01 20.11
CA GLY B 61 -4.23 -8.39 20.04
C GLY B 61 -4.70 -8.64 18.62
N CYS B 62 -4.22 -9.73 18.03
CA CYS B 62 -4.52 -10.07 16.64
C CYS B 62 -4.27 -11.53 16.32
N LYS B 63 -5.17 -12.40 16.79
CA LYS B 63 -5.10 -13.84 16.54
C LYS B 63 -5.51 -14.18 15.10
N TYR B 64 -6.57 -13.54 14.63
CA TYR B 64 -7.15 -13.84 13.31
C TYR B 64 -6.27 -13.37 12.15
N ILE B 65 -5.26 -12.56 12.45
CA ILE B 65 -4.31 -12.09 11.46
C ILE B 65 -3.12 -13.05 11.34
N ASP B 66 -2.83 -13.76 12.43
CA ASP B 66 -1.76 -14.76 12.43
C ASP B 66 -2.11 -15.99 11.58
N GLU B 67 -3.39 -16.35 11.57
CA GLU B 67 -3.85 -17.52 10.84
C GLU B 67 -3.91 -17.28 9.33
N VAL B 68 -4.35 -16.08 8.93
CA VAL B 68 -4.38 -15.72 7.51
C VAL B 68 -2.95 -15.55 6.94
N GLU B 69 -2.04 -15.10 7.80
CA GLU B 69 -0.62 -15.01 7.47
C GLU B 69 -0.06 -16.38 7.08
N THR B 70 -0.25 -17.37 7.95
CA THR B 70 0.27 -18.72 7.72
C THR B 70 -0.41 -19.42 6.54
N LEU B 71 -1.71 -19.18 6.38
CA LEU B 71 -2.47 -19.76 5.27
C LEU B 71 -2.00 -19.24 3.91
N CYS B 72 -1.68 -17.95 3.86
CA CYS B 72 -1.11 -17.34 2.66
C CYS B 72 0.21 -18.01 2.29
N ILE B 73 1.09 -18.14 3.27
CA ILE B 73 2.38 -18.82 3.09
C ILE B 73 2.17 -20.28 2.70
N GLU B 74 1.22 -20.94 3.37
CA GLU B 74 0.88 -22.34 3.07
C GLU B 74 0.38 -22.52 1.64
N LEU B 75 -0.42 -21.56 1.18
CA LEU B 75 -0.99 -21.61 -0.16
C LEU B 75 0.02 -21.21 -1.24
N SER B 76 0.91 -20.27 -0.90
CA SER B 76 1.94 -19.81 -1.83
C SER B 76 2.99 -20.88 -2.11
N LYS B 77 3.32 -21.66 -1.09
CA LYS B 77 4.27 -22.77 -1.21
C LYS B 77 3.71 -23.89 -2.08
N GLU B 78 2.40 -24.13 -1.98
CA GLU B 78 1.74 -25.20 -2.74
C GLU B 78 1.55 -24.84 -4.21
N LEU B 79 1.31 -23.56 -4.49
CA LEU B 79 1.03 -23.09 -5.85
C LEU B 79 2.28 -22.88 -6.70
N PHE B 80 3.29 -22.23 -6.12
CA PHE B 80 4.53 -21.92 -6.85
C PHE B 80 5.63 -22.93 -6.55
N LYS B 81 5.39 -23.80 -5.56
CA LYS B 81 6.31 -24.87 -5.16
C LYS B 81 7.67 -24.36 -4.68
N ALA B 82 7.64 -23.64 -3.56
CA ALA B 82 8.84 -23.10 -2.94
C ALA B 82 9.02 -23.59 -1.51
N GLU B 83 10.27 -23.61 -1.05
CA GLU B 83 10.58 -23.99 0.33
C GLU B 83 10.28 -22.85 1.31
N HIS B 84 10.24 -21.62 0.80
CA HIS B 84 9.89 -20.45 1.59
C HIS B 84 9.06 -19.46 0.78
N ALA B 85 8.13 -18.79 1.44
CA ALA B 85 7.28 -17.78 0.81
C ALA B 85 7.01 -16.61 1.75
N ASN B 86 7.23 -15.40 1.24
CA ASN B 86 6.91 -14.17 1.97
C ASN B 86 5.80 -13.40 1.26
N VAL B 87 4.83 -12.92 2.04
CA VAL B 87 3.64 -12.27 1.49
C VAL B 87 3.41 -10.87 2.07
N GLN B 88 4.47 -10.28 2.63
CA GLN B 88 4.36 -9.04 3.39
C GLN B 88 4.56 -7.72 2.63
N PRO B 89 5.34 -7.73 1.52
CA PRO B 89 5.48 -6.49 0.74
C PRO B 89 4.18 -6.00 0.12
N THR B 90 4.03 -4.68 0.01
CA THR B 90 2.78 -4.05 -0.40
C THR B 90 2.60 -3.93 -1.91
N SER B 91 3.66 -4.25 -2.66
CA SER B 91 3.65 -4.14 -4.12
C SER B 91 4.83 -4.89 -4.72
N GLY B 92 4.78 -5.13 -6.04
CA GLY B 92 5.86 -5.80 -6.76
C GLY B 92 7.18 -5.05 -6.72
N VAL B 93 7.09 -3.72 -6.60
CA VAL B 93 8.26 -2.84 -6.53
C VAL B 93 9.09 -3.09 -5.27
N VAL B 94 8.44 -3.01 -4.11
CA VAL B 94 9.12 -3.27 -2.83
C VAL B 94 9.49 -4.75 -2.68
N ALA B 95 8.70 -5.63 -3.29
CA ALA B 95 9.01 -7.06 -3.37
C ALA B 95 10.34 -7.28 -4.07
N ASN B 96 10.64 -6.44 -5.06
CA ASN B 96 11.96 -6.40 -5.69
C ASN B 96 13.00 -5.80 -4.74
N LEU B 97 12.70 -4.61 -4.21
CA LEU B 97 13.58 -3.88 -3.29
C LEU B 97 14.09 -4.73 -2.14
N ALA B 98 13.23 -5.60 -1.61
CA ALA B 98 13.60 -6.51 -0.54
C ALA B 98 14.67 -7.50 -1.00
N VAL B 99 14.54 -8.00 -2.22
CA VAL B 99 15.53 -8.91 -2.81
C VAL B 99 16.73 -8.13 -3.36
N PHE B 100 16.51 -6.87 -3.72
CA PHE B 100 17.59 -5.98 -4.14
C PHE B 100 18.51 -5.66 -2.96
N PHE B 101 17.93 -5.46 -1.78
CA PHE B 101 18.68 -5.25 -0.54
C PHE B 101 19.44 -6.51 -0.10
N ALA B 102 18.91 -7.67 -0.46
CA ALA B 102 19.64 -8.92 -0.33
C ALA B 102 20.71 -8.96 -1.42
N GLU B 103 21.89 -9.48 -1.07
CA GLU B 103 23.05 -9.48 -1.98
C GLU B 103 23.36 -8.05 -2.45
N THR B 104 23.77 -7.20 -1.51
CA THR B 104 24.05 -5.79 -1.81
C THR B 104 25.41 -5.36 -1.25
N MET B 111 22.05 -7.22 -13.45
CA MET B 111 21.10 -6.28 -14.03
C MET B 111 20.14 -6.97 -15.01
N ALA B 112 18.98 -6.33 -15.24
CA ALA B 112 17.94 -6.88 -16.10
C ALA B 112 17.83 -5.84 -17.22
N LEU B 113 16.63 -5.72 -17.79
CA LEU B 113 16.34 -5.09 -19.05
C LEU B 113 16.39 -3.59 -18.95
N SER B 114 16.76 -2.94 -20.02
CA SER B 114 16.80 -1.51 -20.00
C SER B 114 15.36 -1.23 -19.94
N VAL B 115 15.01 -0.03 -19.53
CA VAL B 115 13.62 0.30 -19.44
C VAL B 115 13.04 0.17 -20.81
N PRO B 116 13.72 0.74 -21.76
CA PRO B 116 13.26 0.74 -23.13
C PRO B 116 13.21 -0.66 -23.63
N ASP B 117 14.22 -1.44 -23.31
CA ASP B 117 14.22 -2.83 -23.72
C ASP B 117 13.13 -3.66 -23.04
N GLY B 118 12.96 -3.49 -21.73
CA GLY B 118 12.01 -4.31 -20.99
C GLY B 118 11.26 -3.62 -19.87
N GLY B 119 11.34 -2.31 -19.84
CA GLY B 119 10.58 -1.54 -18.88
C GLY B 119 11.06 -1.75 -17.47
N HIS B 120 10.19 -1.42 -16.53
CA HIS B 120 10.49 -1.52 -15.12
C HIS B 120 11.46 -0.81 -14.25
N ILE B 121 11.23 0.47 -14.08
CA ILE B 121 12.17 1.47 -13.69
C ILE B 121 12.56 1.27 -12.24
N SER B 122 13.86 1.15 -12.04
CA SER B 122 14.47 1.21 -10.76
C SER B 122 15.81 1.90 -10.95
N HIS B 123 16.20 2.78 -10.02
CA HIS B 123 17.55 3.34 -10.05
C HIS B 123 18.10 3.80 -8.68
N TRP B 124 17.51 3.31 -7.61
CA TRP B 124 17.79 3.80 -6.26
C TRP B 124 19.14 3.27 -5.74
N ASN B 138 22.44 -3.92 -18.44
CA ASN B 138 21.36 -4.47 -19.26
C ASN B 138 21.75 -5.75 -19.99
N HIS B 139 20.75 -6.57 -20.30
CA HIS B 139 20.96 -7.83 -21.03
C HIS B 139 21.22 -7.59 -22.52
N PRO B 140 22.02 -8.47 -23.16
CA PRO B 140 22.14 -8.46 -24.61
C PRO B 140 20.78 -8.78 -25.24
N PHE B 141 20.16 -7.76 -25.84
CA PHE B 141 18.81 -7.88 -26.37
C PHE B 141 18.76 -7.50 -27.84
N ASP B 142 18.26 -8.42 -28.66
CA ASP B 142 18.03 -8.17 -30.07
C ASP B 142 16.58 -7.73 -30.26
N PRO B 143 16.37 -6.52 -30.81
CA PRO B 143 15.03 -5.95 -31.00
C PRO B 143 14.13 -6.77 -31.93
N GLU B 144 14.73 -7.45 -32.91
CA GLU B 144 13.99 -8.25 -33.90
C GLU B 144 13.33 -9.47 -33.25
N GLU B 145 14.10 -10.23 -32.49
CA GLU B 145 13.57 -11.35 -31.71
C GLU B 145 13.30 -10.85 -30.31
N MET B 146 12.02 -10.71 -29.96
CA MET B 146 11.62 -10.12 -28.68
C MET B 146 11.94 -10.99 -27.47
N ASN B 147 13.23 -11.15 -27.19
CA ASN B 147 13.73 -11.99 -26.11
C ASN B 147 15.21 -11.69 -25.90
N ILE B 148 15.74 -12.07 -24.74
CA ILE B 148 17.18 -11.93 -24.47
C ILE B 148 17.97 -12.94 -25.30
N ASP B 149 19.05 -12.47 -25.90
CA ASP B 149 19.92 -13.29 -26.76
C ASP B 149 20.42 -14.53 -26.03
N ALA B 150 20.05 -15.70 -26.55
CA ALA B 150 20.37 -16.98 -25.93
C ALA B 150 21.86 -17.33 -25.98
N ASP B 151 22.59 -16.72 -26.90
CA ASP B 151 24.03 -16.96 -27.06
C ASP B 151 24.89 -15.83 -26.48
N ALA B 152 24.50 -14.59 -26.74
CA ALA B 152 25.27 -13.41 -26.33
C ALA B 152 25.20 -13.12 -24.83
N MET B 153 24.14 -13.60 -24.17
CA MET B 153 23.98 -13.43 -22.73
C MET B 153 24.93 -14.35 -21.94
N VAL B 154 25.10 -15.58 -22.45
CA VAL B 154 25.98 -16.57 -21.82
C VAL B 154 27.42 -16.05 -21.70
N LYS B 155 27.90 -15.42 -22.78
CA LYS B 155 29.23 -14.84 -22.83
C LYS B 155 29.30 -13.52 -22.04
N LYS B 156 28.13 -12.95 -21.77
CA LYS B 156 28.02 -11.71 -20.99
C LYS B 156 28.10 -11.98 -19.49
N ILE B 157 27.60 -13.13 -19.05
CA ILE B 157 27.60 -13.51 -17.63
C ILE B 157 29.02 -13.63 -17.07
N LEU B 158 29.91 -14.28 -17.82
CA LEU B 158 31.29 -14.50 -17.40
C LEU B 158 32.13 -13.23 -17.43
N GLU B 159 31.98 -12.44 -18.51
CA GLU B 159 32.88 -11.32 -18.77
C GLU B 159 32.35 -9.96 -18.30
N GLU B 160 31.46 -9.98 -17.31
CA GLU B 160 30.95 -8.77 -16.68
C GLU B 160 30.94 -8.86 -15.16
N LYS B 161 30.98 -10.09 -14.65
CA LYS B 161 31.02 -10.40 -13.22
C LYS B 161 29.93 -9.69 -12.39
N PRO B 162 28.67 -10.17 -12.49
CA PRO B 162 27.60 -9.65 -11.65
C PRO B 162 27.39 -10.50 -10.41
N LYS B 163 26.53 -10.02 -9.49
CA LYS B 163 26.18 -10.78 -8.29
C LYS B 163 24.70 -11.16 -8.31
N LEU B 164 23.90 -10.36 -9.02
CA LEU B 164 22.47 -10.61 -9.16
C LEU B 164 22.03 -10.55 -10.62
N ILE B 165 21.54 -11.68 -11.12
CA ILE B 165 21.00 -11.76 -12.47
C ILE B 165 19.49 -11.79 -12.40
N LEU B 166 18.86 -10.79 -13.01
CA LEU B 166 17.41 -10.64 -12.93
C LEU B 166 16.74 -10.85 -14.29
N PHE B 167 15.75 -11.73 -14.31
CA PHE B 167 14.92 -11.95 -15.49
C PHE B 167 13.53 -11.40 -15.23
N GLY B 168 13.25 -10.21 -15.78
CA GLY B 168 11.97 -9.55 -15.59
C GLY B 168 11.85 -8.26 -16.36
N GLY B 169 10.64 -7.96 -16.82
CA GLY B 169 10.39 -6.75 -17.60
C GLY B 169 8.91 -6.48 -17.82
N SER B 170 8.58 -5.19 -17.99
CA SER B 170 7.20 -4.74 -18.24
C SER B 170 6.69 -5.21 -19.60
N LEU B 171 7.56 -5.16 -20.60
CA LEU B 171 7.26 -5.69 -21.93
C LEU B 171 7.86 -7.09 -22.02
N PHE B 172 7.02 -8.08 -21.74
CA PHE B 172 7.46 -9.46 -21.57
C PHE B 172 6.66 -10.41 -22.47
N PRO B 173 7.06 -10.51 -23.76
CA PRO B 173 6.33 -11.34 -24.71
C PRO B 173 6.70 -12.81 -24.64
N PHE B 174 8.00 -13.09 -24.53
CA PHE B 174 8.52 -14.46 -24.60
C PHE B 174 9.33 -14.81 -23.35
N PRO B 175 9.30 -16.10 -22.94
CA PRO B 175 10.03 -16.55 -21.75
C PRO B 175 11.53 -16.33 -21.86
N HIS B 176 12.14 -15.91 -20.75
CA HIS B 176 13.55 -15.61 -20.68
C HIS B 176 14.40 -16.88 -20.54
N PRO B 177 15.59 -16.91 -21.16
CA PRO B 177 16.50 -18.06 -21.07
C PRO B 177 17.06 -18.25 -19.65
N VAL B 178 16.22 -18.77 -18.77
CA VAL B 178 16.57 -18.99 -17.36
C VAL B 178 17.53 -20.17 -17.21
N ALA B 179 17.24 -21.26 -17.92
CA ALA B 179 18.08 -22.46 -17.92
C ALA B 179 19.39 -22.27 -18.69
N ASP B 180 19.42 -21.27 -19.57
CA ASP B 180 20.61 -20.92 -20.33
C ASP B 180 21.49 -19.91 -19.57
N ALA B 181 21.21 -19.74 -18.28
CA ALA B 181 21.91 -18.77 -17.46
C ALA B 181 22.57 -19.39 -16.22
N TYR B 182 21.98 -20.47 -15.70
CA TYR B 182 22.48 -21.09 -14.47
C TYR B 182 23.54 -22.17 -14.71
N GLU B 183 24.18 -22.12 -15.88
CA GLU B 183 25.37 -22.92 -16.17
C GLU B 183 26.63 -22.05 -16.21
N ALA B 184 26.45 -20.75 -15.94
CA ALA B 184 27.54 -19.78 -16.00
C ALA B 184 27.55 -18.85 -14.78
N ALA B 185 26.39 -18.72 -14.13
CA ALA B 185 26.21 -17.85 -12.98
C ALA B 185 26.91 -18.35 -11.72
N GLN B 186 26.70 -19.63 -11.41
CA GLN B 186 27.22 -20.25 -10.18
C GLN B 186 28.75 -20.43 -10.20
N GLU B 187 29.33 -20.47 -11.39
CA GLU B 187 30.77 -20.65 -11.55
C GLU B 187 31.52 -19.36 -11.26
N VAL B 188 30.93 -18.23 -11.66
CA VAL B 188 31.50 -16.91 -11.38
C VAL B 188 31.03 -16.37 -10.02
N GLY B 189 30.05 -17.04 -9.42
CA GLY B 189 29.52 -16.67 -8.12
C GLY B 189 28.44 -15.61 -8.23
N ALA B 190 27.39 -15.93 -8.99
CA ALA B 190 26.28 -15.01 -9.22
C ALA B 190 24.94 -15.69 -8.95
N LYS B 191 24.05 -14.96 -8.27
CA LYS B 191 22.73 -15.48 -7.92
C LYS B 191 21.68 -15.01 -8.91
N ILE B 192 20.58 -15.76 -9.02
CA ILE B 192 19.56 -15.52 -10.04
C ILE B 192 18.17 -15.23 -9.45
N ALA B 193 17.60 -14.10 -9.87
CA ALA B 193 16.27 -13.65 -9.43
C ALA B 193 15.32 -13.46 -10.61
N TYR B 194 14.02 -13.46 -10.33
CA TYR B 194 12.99 -13.39 -11.38
C TYR B 194 11.85 -12.45 -10.97
N ASP B 195 11.83 -11.26 -11.55
CA ASP B 195 10.75 -10.30 -11.32
C ASP B 195 9.61 -10.54 -12.30
N GLY B 196 8.83 -11.58 -12.03
CA GLY B 196 7.68 -11.93 -12.86
C GLY B 196 6.41 -11.26 -12.40
N ALA B 197 6.49 -9.94 -12.21
CA ALA B 197 5.35 -9.13 -11.75
C ALA B 197 4.17 -9.23 -12.70
N HIS B 198 4.47 -9.18 -14.00
CA HIS B 198 3.45 -9.27 -15.04
C HIS B 198 3.01 -10.71 -15.30
N VAL B 199 3.88 -11.67 -14.98
CA VAL B 199 3.69 -13.05 -15.41
C VAL B 199 3.25 -14.00 -14.28
N LEU B 200 3.39 -13.55 -13.04
CA LEU B 200 3.14 -14.39 -11.85
C LEU B 200 1.96 -15.35 -12.00
N GLY B 201 0.85 -14.86 -12.54
CA GLY B 201 -0.37 -15.65 -12.69
C GLY B 201 -0.25 -16.81 -13.65
N LEU B 202 0.58 -16.65 -14.69
CA LEU B 202 0.80 -17.71 -15.68
C LEU B 202 1.67 -18.83 -15.10
N ILE B 203 2.69 -18.44 -14.34
CA ILE B 203 3.59 -19.38 -13.66
C ILE B 203 2.81 -20.24 -12.67
N ALA B 204 1.82 -19.63 -12.02
CA ALA B 204 0.98 -20.30 -11.04
C ALA B 204 0.07 -21.36 -11.69
N GLY B 205 -0.40 -21.05 -12.91
CA GLY B 205 -1.23 -21.98 -13.68
C GLY B 205 -0.42 -22.95 -14.54
N LYS B 206 0.89 -22.97 -14.31
CA LYS B 206 1.83 -23.83 -15.02
C LYS B 206 1.70 -23.71 -16.55
N GLN B 207 1.98 -22.52 -17.08
CA GLN B 207 1.75 -22.25 -18.49
C GLN B 207 2.86 -21.49 -19.22
N PHE B 208 3.39 -20.44 -18.59
CA PHE B 208 4.42 -19.61 -19.23
C PHE B 208 5.80 -20.23 -19.09
N GLN B 209 6.23 -20.43 -17.86
CA GLN B 209 7.47 -21.14 -17.54
C GLN B 209 7.54 -21.48 -16.05
N ASP B 210 8.55 -22.25 -15.68
CA ASP B 210 8.74 -22.63 -14.29
C ASP B 210 10.16 -22.28 -13.82
N PRO B 211 10.46 -20.97 -13.69
CA PRO B 211 11.81 -20.49 -13.44
C PRO B 211 12.45 -21.04 -12.17
N LEU B 212 11.63 -21.30 -11.15
CA LEU B 212 12.11 -21.75 -9.84
C LEU B 212 12.74 -23.14 -9.89
N ARG B 213 12.42 -23.90 -10.92
CA ARG B 213 13.04 -25.20 -11.17
C ARG B 213 13.88 -25.17 -12.46
N GLU B 214 13.89 -24.02 -13.11
CA GLU B 214 14.71 -23.80 -14.30
C GLU B 214 16.01 -23.07 -13.98
N GLY B 215 16.24 -22.83 -12.69
CA GLY B 215 17.47 -22.17 -12.24
C GLY B 215 17.27 -21.07 -11.23
N ALA B 216 16.20 -20.28 -11.42
CA ALA B 216 15.91 -19.13 -10.56
C ALA B 216 15.73 -19.51 -9.09
N GLU B 217 16.49 -18.85 -8.22
CA GLU B 217 16.44 -19.09 -6.79
C GLU B 217 15.51 -18.10 -6.09
N TYR B 218 15.22 -16.98 -6.76
CA TYR B 218 14.31 -15.96 -6.24
C TYR B 218 13.21 -15.63 -7.25
N LEU B 219 11.97 -15.56 -6.75
CA LEU B 219 10.83 -15.17 -7.56
C LEU B 219 10.02 -14.09 -6.85
N MET B 220 10.16 -12.86 -7.33
CA MET B 220 9.35 -11.75 -6.86
C MET B 220 8.08 -11.69 -7.68
N GLY B 221 7.31 -10.62 -7.52
CA GLY B 221 6.11 -10.42 -8.31
C GLY B 221 5.00 -9.65 -7.64
N SER B 222 4.16 -9.05 -8.47
CA SER B 222 2.97 -8.35 -8.02
C SER B 222 1.81 -9.34 -8.01
N THR B 223 0.89 -9.17 -7.05
CA THR B 223 -0.22 -10.11 -6.90
C THR B 223 -1.51 -9.62 -7.54
N HIS B 224 -1.44 -8.56 -8.35
CA HIS B 224 -2.64 -7.96 -8.93
C HIS B 224 -2.65 -7.85 -10.47
N LYS B 225 -1.69 -8.48 -11.14
CA LYS B 225 -1.63 -8.42 -12.60
C LYS B 225 -2.12 -9.54 -13.53
N THR B 226 -1.35 -10.61 -13.70
CA THR B 226 -1.83 -11.88 -14.23
C THR B 226 -2.38 -12.78 -13.10
N PHE B 227 -1.88 -12.56 -11.90
CA PHE B 227 -2.45 -13.14 -10.69
C PHE B 227 -3.65 -12.28 -10.28
N PHE B 228 -4.86 -12.80 -10.41
CA PHE B 228 -6.06 -12.00 -10.15
C PHE B 228 -6.37 -11.71 -8.67
N GLY B 229 -5.34 -11.31 -7.93
CA GLY B 229 -5.49 -10.99 -6.52
C GLY B 229 -5.50 -9.50 -6.25
N PRO B 230 -5.47 -9.11 -4.96
CA PRO B 230 -5.46 -7.71 -4.58
C PRO B 230 -4.09 -7.09 -4.77
N GLN B 231 -3.98 -5.78 -4.54
CA GLN B 231 -2.70 -5.08 -4.65
C GLN B 231 -1.78 -5.55 -3.53
N GLY B 232 -0.63 -6.09 -3.92
CA GLY B 232 0.35 -6.59 -2.95
C GLY B 232 1.54 -7.26 -3.61
N GLY B 233 2.62 -7.39 -2.85
CA GLY B 233 3.84 -8.05 -3.33
C GLY B 233 4.05 -9.41 -2.69
N VAL B 234 4.75 -10.28 -3.41
CA VAL B 234 5.03 -11.63 -2.93
C VAL B 234 6.43 -12.09 -3.36
N ILE B 235 7.13 -12.77 -2.46
CA ILE B 235 8.47 -13.26 -2.73
C ILE B 235 8.52 -14.77 -2.51
N LEU B 236 9.17 -15.48 -3.42
CA LEU B 236 9.27 -16.94 -3.35
C LEU B 236 10.72 -17.38 -3.53
N THR B 237 11.23 -18.14 -2.57
CA THR B 237 12.62 -18.60 -2.57
C THR B 237 12.84 -19.95 -1.89
N THR B 238 14.02 -20.53 -2.10
CA THR B 238 14.41 -21.77 -1.43
C THR B 238 15.24 -21.47 -0.18
N LYS B 239 15.34 -22.46 0.70
CA LYS B 239 16.16 -22.35 1.90
C LYS B 239 17.54 -23.00 1.71
N GLU B 240 18.00 -23.03 0.46
CA GLU B 240 19.29 -23.64 0.12
C GLU B 240 20.45 -22.96 0.85
N ASN B 241 20.42 -21.62 0.86
CA ASN B 241 21.29 -20.83 1.73
C ASN B 241 20.47 -19.95 2.66
N ALA B 242 19.25 -19.63 2.23
CA ALA B 242 18.26 -18.85 2.99
C ALA B 242 18.68 -17.51 3.60
N ASP B 243 18.73 -16.49 2.74
CA ASP B 243 19.19 -15.15 3.13
C ASP B 243 18.24 -14.48 4.11
N LYS B 244 17.09 -15.12 4.36
CA LYS B 244 16.08 -14.64 5.30
C LYS B 244 15.72 -13.17 5.08
N ILE B 245 15.00 -12.92 3.99
CA ILE B 245 14.59 -11.57 3.60
C ILE B 245 13.68 -10.95 4.64
N ASP B 246 12.89 -11.79 5.31
CA ASP B 246 11.89 -11.39 6.31
C ASP B 246 12.41 -10.38 7.33
N SER B 247 13.73 -10.35 7.51
CA SER B 247 14.37 -9.40 8.43
C SER B 247 14.40 -7.97 7.87
N HIS B 248 14.66 -7.85 6.56
CA HIS B 248 14.83 -6.53 5.94
C HIS B 248 13.88 -6.27 4.76
N VAL B 249 12.58 -6.37 5.04
CA VAL B 249 11.53 -5.95 4.09
C VAL B 249 10.81 -4.76 4.73
N PHE B 250 11.45 -4.18 5.75
CA PHE B 250 10.81 -3.26 6.69
C PHE B 250 9.58 -3.88 7.38
N PRO B 251 9.82 -4.79 8.34
CA PRO B 251 8.74 -5.56 8.96
C PRO B 251 8.06 -4.79 10.10
N GLY B 252 6.83 -4.36 9.84
CA GLY B 252 6.04 -3.64 10.83
C GLY B 252 4.89 -4.61 10.98
N VAL B 253 4.76 -5.19 12.17
CA VAL B 253 3.57 -5.88 12.64
C VAL B 253 2.65 -4.95 13.45
N VAL B 254 3.19 -3.79 13.83
CA VAL B 254 2.41 -2.73 14.47
C VAL B 254 2.37 -1.44 13.64
N SER B 255 3.31 -1.29 12.72
CA SER B 255 3.46 -0.05 11.94
C SER B 255 3.39 -0.26 10.42
N ASN B 256 2.33 0.32 9.82
CA ASN B 256 2.16 0.44 8.37
C ASN B 256 2.23 -0.74 7.39
N HIS B 257 1.13 -1.51 7.34
CA HIS B 257 1.02 -2.66 6.44
C HIS B 257 -0.43 -2.93 6.01
N HIS B 258 -0.61 -3.71 4.96
CA HIS B 258 -1.92 -3.93 4.34
C HIS B 258 -2.95 -4.65 5.23
N LEU B 259 -2.68 -5.92 5.54
CA LEU B 259 -3.54 -6.76 6.39
C LEU B 259 -4.90 -7.14 5.79
N HIS B 260 -5.66 -6.15 5.30
CA HIS B 260 -6.94 -6.43 4.64
C HIS B 260 -6.75 -7.01 3.25
N HIS B 261 -5.57 -6.76 2.67
CA HIS B 261 -5.19 -7.36 1.39
C HIS B 261 -4.67 -8.79 1.58
N LYS B 262 -4.26 -9.15 2.78
CA LYS B 262 -3.82 -10.51 3.10
C LYS B 262 -4.97 -11.52 3.04
N ALA B 263 -6.14 -11.10 3.50
CA ALA B 263 -7.33 -11.96 3.49
C ALA B 263 -7.80 -12.21 2.07
N GLY B 264 -7.67 -11.20 1.21
CA GLY B 264 -7.97 -11.35 -0.21
C GLY B 264 -6.92 -12.18 -0.93
N LEU B 265 -5.68 -12.06 -0.48
CA LEU B 265 -4.56 -12.84 -1.03
C LEU B 265 -4.81 -14.32 -0.79
N ALA B 266 -5.31 -14.64 0.40
CA ALA B 266 -5.64 -16.01 0.77
C ALA B 266 -6.64 -16.62 -0.21
N ILE B 267 -7.74 -15.92 -0.46
CA ILE B 267 -8.76 -16.39 -1.40
C ILE B 267 -8.22 -16.49 -2.82
N ALA B 268 -7.51 -15.45 -3.27
CA ALA B 268 -6.91 -15.43 -4.61
C ALA B 268 -6.03 -16.64 -4.87
N LEU B 269 -5.18 -16.98 -3.90
CA LEU B 269 -4.34 -18.17 -3.97
C LEU B 269 -5.17 -19.43 -4.22
N ALA B 270 -6.20 -19.63 -3.40
CA ALA B 270 -7.09 -20.78 -3.51
C ALA B 270 -7.76 -20.87 -4.87
N GLU B 271 -8.12 -19.70 -5.43
CA GLU B 271 -8.71 -19.61 -6.77
C GLU B 271 -7.70 -20.01 -7.84
N MET B 272 -6.46 -19.55 -7.70
CA MET B 272 -5.38 -19.88 -8.62
C MET B 272 -4.93 -21.32 -8.48
N LEU B 273 -5.18 -21.91 -7.31
CA LEU B 273 -4.87 -23.32 -7.07
C LEU B 273 -5.87 -24.25 -7.72
N GLU B 274 -7.12 -23.82 -7.81
CA GLU B 274 -8.19 -24.63 -8.39
C GLU B 274 -8.41 -24.32 -9.88
N PHE B 275 -8.37 -23.04 -10.23
CA PHE B 275 -8.75 -22.59 -11.57
C PHE B 275 -7.56 -22.15 -12.44
N GLY B 276 -6.43 -21.86 -11.80
CA GLY B 276 -5.24 -21.35 -12.48
C GLY B 276 -4.81 -22.09 -13.73
N GLU B 277 -4.89 -23.42 -13.69
CA GLU B 277 -4.57 -24.26 -14.85
C GLU B 277 -5.34 -23.83 -16.08
N ALA B 278 -6.68 -23.88 -15.98
CA ALA B 278 -7.58 -23.56 -17.08
C ALA B 278 -7.56 -22.07 -17.44
N TYR B 279 -7.30 -21.23 -16.46
CA TYR B 279 -7.25 -19.78 -16.65
C TYR B 279 -6.04 -19.38 -17.50
N ALA B 280 -4.85 -19.74 -17.04
CA ALA B 280 -3.62 -19.37 -17.73
C ALA B 280 -3.50 -19.99 -19.12
N LYS B 281 -4.14 -21.15 -19.32
CA LYS B 281 -4.24 -21.78 -20.65
C LYS B 281 -4.98 -20.86 -21.62
N GLN B 282 -6.15 -20.39 -21.22
CA GLN B 282 -6.99 -19.56 -22.08
C GLN B 282 -6.38 -18.17 -22.31
N VAL B 283 -5.75 -17.62 -21.27
CA VAL B 283 -5.06 -16.32 -21.36
C VAL B 283 -4.02 -16.30 -22.47
N ILE B 284 -3.13 -17.29 -22.48
CA ILE B 284 -2.06 -17.36 -23.47
C ILE B 284 -2.59 -17.62 -24.88
N LYS B 285 -3.72 -18.33 -24.96
CA LYS B 285 -4.38 -18.63 -26.24
C LYS B 285 -5.12 -17.42 -26.78
N ASN B 286 -5.88 -16.75 -25.91
CA ASN B 286 -6.60 -15.53 -26.28
C ASN B 286 -5.66 -14.45 -26.80
N ALA B 287 -4.50 -14.32 -26.15
CA ALA B 287 -3.46 -13.40 -26.60
C ALA B 287 -3.05 -13.73 -28.03
N LYS B 288 -2.66 -14.98 -28.26
CA LYS B 288 -2.30 -15.47 -29.58
C LYS B 288 -3.41 -15.19 -30.58
N ALA B 289 -4.63 -15.64 -30.26
CA ALA B 289 -5.79 -15.48 -31.12
C ALA B 289 -6.02 -14.01 -31.48
N LEU B 290 -5.88 -13.15 -30.47
CA LEU B 290 -6.06 -11.71 -30.62
C LEU B 290 -4.93 -11.11 -31.46
N ALA B 291 -3.72 -11.57 -31.22
CA ALA B 291 -2.54 -11.11 -31.94
C ALA B 291 -2.65 -11.40 -33.44
N GLN B 292 -2.96 -12.65 -33.78
CA GLN B 292 -3.11 -13.04 -35.19
C GLN B 292 -4.30 -12.34 -35.86
N ALA B 293 -5.40 -12.22 -35.12
CA ALA B 293 -6.58 -11.51 -35.62
C ALA B 293 -6.24 -10.08 -36.01
N LEU B 294 -5.43 -9.41 -35.20
CA LEU B 294 -4.95 -8.07 -35.47
C LEU B 294 -4.02 -8.02 -36.69
N TYR B 295 -3.06 -8.95 -36.73
CA TYR B 295 -2.10 -9.04 -37.83
C TYR B 295 -2.81 -9.23 -39.18
N GLU B 296 -3.74 -10.18 -39.23
CA GLU B 296 -4.49 -10.49 -40.45
C GLU B 296 -5.33 -9.30 -40.93
N ARG B 297 -5.68 -8.41 -40.01
CA ARG B 297 -6.40 -7.18 -40.33
C ARG B 297 -5.47 -6.03 -40.68
N GLY B 298 -4.16 -6.28 -40.60
CA GLY B 298 -3.17 -5.30 -41.01
C GLY B 298 -2.56 -4.48 -39.88
N PHE B 299 -2.43 -5.10 -38.72
CA PHE B 299 -1.71 -4.50 -37.58
C PHE B 299 -0.33 -5.13 -37.52
N ASN B 300 0.72 -4.32 -37.52
CA ASN B 300 2.08 -4.84 -37.42
C ASN B 300 2.44 -5.25 -35.99
N VAL B 301 1.82 -6.33 -35.53
CA VAL B 301 2.14 -6.92 -34.24
C VAL B 301 3.41 -7.76 -34.36
N LEU B 302 4.29 -7.60 -33.39
CA LEU B 302 5.65 -8.15 -33.44
C LEU B 302 5.74 -9.68 -33.46
N CYS B 303 6.73 -10.17 -34.20
CA CYS B 303 7.15 -11.59 -34.19
C CYS B 303 6.08 -12.59 -34.63
N GLU B 304 5.55 -12.39 -35.83
CA GLU B 304 4.53 -13.30 -36.37
C GLU B 304 5.09 -14.71 -36.62
N HIS B 305 6.37 -14.77 -36.98
CA HIS B 305 7.08 -16.02 -37.20
C HIS B 305 7.26 -16.83 -35.91
N LYS B 306 7.43 -16.12 -34.80
CA LYS B 306 7.58 -16.74 -33.48
C LYS B 306 6.21 -16.85 -32.80
N ASP B 307 5.15 -16.68 -33.60
CA ASP B 307 3.75 -16.72 -33.15
C ASP B 307 3.41 -15.67 -32.08
N PHE B 308 3.87 -14.45 -32.33
CA PHE B 308 3.46 -13.24 -31.58
C PHE B 308 3.78 -13.10 -30.09
N THR B 309 3.30 -14.01 -29.26
CA THR B 309 3.69 -14.11 -27.84
C THR B 309 3.50 -15.51 -27.25
N GLU B 310 3.96 -15.68 -26.02
CA GLU B 310 3.69 -16.87 -25.22
C GLU B 310 2.98 -16.47 -23.93
N SER B 311 2.91 -15.16 -23.67
CA SER B 311 2.28 -14.62 -22.46
C SER B 311 0.91 -14.01 -22.75
N HIS B 312 0.50 -13.10 -21.87
CA HIS B 312 -0.81 -12.43 -21.94
C HIS B 312 -0.78 -11.22 -22.87
N GLN B 313 0.42 -10.81 -23.25
CA GLN B 313 0.61 -9.56 -23.97
C GLN B 313 0.50 -9.69 -25.48
N VAL B 314 0.04 -8.62 -26.11
CA VAL B 314 0.07 -8.49 -27.56
C VAL B 314 0.69 -7.11 -27.83
N ILE B 315 1.91 -7.13 -28.36
CA ILE B 315 2.63 -5.90 -28.62
C ILE B 315 2.66 -5.57 -30.12
N ILE B 316 2.11 -4.41 -30.45
CA ILE B 316 1.91 -3.99 -31.83
C ILE B 316 2.65 -2.69 -32.16
N ASP B 317 3.37 -2.70 -33.28
CA ASP B 317 4.07 -1.52 -33.78
C ASP B 317 3.16 -0.72 -34.72
N ILE B 318 2.67 0.41 -34.21
CA ILE B 318 1.81 1.31 -34.98
C ILE B 318 2.64 2.09 -35.99
N GLU B 319 3.88 2.41 -35.60
CA GLU B 319 4.82 3.15 -36.43
C GLU B 319 5.01 2.50 -37.80
N SER B 320 5.36 1.22 -37.81
CA SER B 320 5.58 0.48 -39.05
C SER B 320 4.33 -0.27 -39.52
N SER B 321 3.16 0.31 -39.25
CA SER B 321 1.88 -0.16 -39.77
C SER B 321 1.40 0.84 -40.81
N PRO B 322 1.72 0.60 -42.11
CA PRO B 322 1.47 1.59 -43.16
C PRO B 322 -0.01 1.93 -43.36
N ASP B 323 -0.90 0.97 -43.07
CA ASP B 323 -2.32 1.14 -43.31
C ASP B 323 -3.03 2.04 -42.29
N ILE B 324 -2.39 2.27 -41.15
CA ILE B 324 -3.04 2.93 -40.01
C ILE B 324 -3.17 4.45 -40.15
N GLU B 325 -2.03 5.14 -40.27
CA GLU B 325 -1.99 6.61 -40.47
C GLU B 325 -2.19 7.42 -39.18
N PHE B 326 -2.48 6.75 -38.08
CA PHE B 326 -2.60 7.43 -36.78
C PHE B 326 -1.37 7.17 -35.91
N SER B 327 -1.09 8.11 -34.99
CA SER B 327 -0.05 7.95 -34.01
C SER B 327 -0.53 7.04 -32.87
N ALA B 328 0.41 6.35 -32.23
CA ALA B 328 0.08 5.46 -31.12
C ALA B 328 -0.59 6.20 -29.97
N SER B 329 -0.20 7.46 -29.78
CA SER B 329 -0.84 8.34 -28.80
C SER B 329 -2.27 8.69 -29.23
N GLU B 330 -2.42 9.05 -30.49
CA GLU B 330 -3.73 9.34 -31.08
C GLU B 330 -4.67 8.15 -30.93
N LEU B 331 -4.15 6.97 -31.28
CA LEU B 331 -4.93 5.73 -31.22
C LEU B 331 -5.45 5.37 -29.83
N ALA B 332 -4.56 5.42 -28.84
CA ALA B 332 -4.93 5.11 -27.45
C ALA B 332 -6.02 6.05 -26.94
N LYS B 333 -5.94 7.31 -27.35
CA LYS B 333 -6.91 8.31 -26.97
C LYS B 333 -8.23 8.13 -27.72
N MET B 334 -8.12 7.63 -28.94
CA MET B 334 -9.29 7.33 -29.78
C MET B 334 -10.03 6.09 -29.30
N TYR B 335 -9.27 5.06 -28.94
CA TYR B 335 -9.84 3.82 -28.43
C TYR B 335 -10.61 4.04 -27.14
N GLU B 336 -10.06 4.89 -26.26
CA GLU B 336 -10.71 5.25 -25.01
C GLU B 336 -12.09 5.86 -25.23
N GLU B 337 -12.23 6.66 -26.29
CA GLU B 337 -13.52 7.24 -26.66
C GLU B 337 -14.49 6.18 -27.19
N ALA B 338 -13.94 5.06 -27.65
CA ALA B 338 -14.74 3.94 -28.15
C ALA B 338 -14.94 2.88 -27.08
N ASN B 339 -14.51 3.18 -25.86
CA ASN B 339 -14.58 2.26 -24.70
C ASN B 339 -13.65 1.05 -24.83
N ILE B 340 -12.50 1.27 -25.46
CA ILE B 340 -11.44 0.27 -25.52
C ILE B 340 -10.23 0.85 -24.81
N ILE B 341 -9.92 0.30 -23.63
CA ILE B 341 -8.82 0.84 -22.85
C ILE B 341 -7.54 0.01 -22.99
N LEU B 342 -6.49 0.71 -23.42
CA LEU B 342 -5.18 0.12 -23.65
C LEU B 342 -4.15 1.23 -23.46
N ASN B 343 -2.88 0.88 -23.44
CA ASN B 343 -1.84 1.90 -23.30
C ASN B 343 -0.78 1.88 -24.40
N LYS B 344 -0.34 3.08 -24.78
CA LYS B 344 0.77 3.26 -25.70
C LYS B 344 2.05 2.81 -25.02
N ASN B 345 3.03 2.37 -25.80
CA ASN B 345 4.22 1.75 -25.23
C ASN B 345 5.51 2.14 -25.95
N LEU B 346 6.60 2.16 -25.20
CA LEU B 346 7.92 2.41 -25.75
C LEU B 346 8.51 1.14 -26.31
N LEU B 347 8.55 1.06 -27.63
CA LEU B 347 9.23 -0.04 -28.30
C LEU B 347 10.72 0.28 -28.34
N PRO B 348 11.57 -0.72 -28.06
CA PRO B 348 13.01 -0.56 -27.86
C PRO B 348 13.74 0.42 -28.79
N TRP B 349 13.20 0.64 -29.99
CA TRP B 349 13.90 1.38 -31.04
C TRP B 349 13.52 2.86 -31.10
N ASP B 350 12.79 3.33 -30.09
CA ASP B 350 12.21 4.68 -30.09
C ASP B 350 13.20 5.83 -29.83
N ASP B 351 12.65 7.02 -29.62
CA ASP B 351 13.41 8.24 -29.37
C ASP B 351 14.09 8.25 -28.01
N VAL B 352 14.98 9.23 -27.81
CA VAL B 352 15.58 9.49 -26.49
C VAL B 352 14.47 9.51 -25.42
N ASN B 353 14.74 8.84 -24.29
CA ASN B 353 13.71 8.42 -23.32
C ASN B 353 13.16 9.76 -22.79
N ASN B 354 12.35 10.43 -23.61
CA ASN B 354 11.33 11.42 -23.28
C ASN B 354 10.30 11.41 -24.41
N SER B 355 9.30 10.55 -24.26
CA SER B 355 8.41 10.21 -25.37
C SER B 355 6.94 10.51 -25.10
N ASP B 356 6.52 11.69 -25.53
CA ASP B 356 5.11 12.02 -25.61
C ASP B 356 4.45 11.24 -26.76
N ASN B 357 5.25 10.94 -27.79
CA ASN B 357 4.80 10.20 -28.95
C ASN B 357 5.59 8.90 -29.17
N PRO B 358 5.15 7.79 -28.53
CA PRO B 358 5.82 6.50 -28.70
C PRO B 358 5.32 5.75 -29.93
N SER B 359 5.97 4.63 -30.24
CA SER B 359 5.67 3.86 -31.45
C SER B 359 4.66 2.75 -31.24
N GLY B 360 4.64 2.17 -30.04
CA GLY B 360 3.88 0.94 -29.81
C GLY B 360 2.59 1.06 -29.02
N ILE B 361 1.75 0.04 -29.16
CA ILE B 361 0.56 -0.15 -28.35
C ILE B 361 0.64 -1.53 -27.72
N ARG B 362 0.43 -1.59 -26.41
CA ARG B 362 0.52 -2.83 -25.67
C ARG B 362 -0.86 -3.30 -25.24
N LEU B 363 -1.13 -4.59 -25.43
CA LEU B 363 -2.41 -5.20 -25.08
C LEU B 363 -2.19 -6.34 -24.11
N GLY B 364 -3.23 -6.62 -23.32
CA GLY B 364 -3.23 -7.72 -22.37
C GLY B 364 -4.59 -8.40 -22.33
N THR B 365 -4.59 -9.73 -22.47
CA THR B 365 -5.84 -10.49 -22.55
C THR B 365 -6.30 -11.06 -21.20
N GLN B 366 -5.53 -10.79 -20.14
CA GLN B 366 -5.80 -11.40 -18.83
C GLN B 366 -7.14 -11.03 -18.19
N GLU B 367 -7.58 -9.79 -18.32
CA GLU B 367 -8.87 -9.38 -17.76
C GLU B 367 -10.04 -9.93 -18.59
N CYS B 368 -9.96 -9.76 -19.91
CA CYS B 368 -10.98 -10.29 -20.82
C CYS B 368 -11.20 -11.79 -20.66
N THR B 369 -10.13 -12.53 -20.39
CA THR B 369 -10.22 -13.96 -20.13
C THR B 369 -11.02 -14.23 -18.84
N ARG B 370 -10.81 -13.39 -17.83
CA ARG B 370 -11.54 -13.48 -16.57
C ARG B 370 -13.04 -13.18 -16.69
N LEU B 371 -13.40 -12.28 -17.60
CA LEU B 371 -14.81 -11.96 -17.83
C LEU B 371 -15.49 -13.00 -18.73
N GLY B 372 -14.70 -13.92 -19.28
CA GLY B 372 -15.23 -15.06 -20.01
C GLY B 372 -15.21 -14.89 -21.52
N MET B 373 -14.16 -14.25 -22.03
CA MET B 373 -13.99 -14.11 -23.46
C MET B 373 -13.06 -15.20 -23.97
N LYS B 374 -13.45 -15.81 -25.09
CA LYS B 374 -12.69 -16.91 -25.69
C LYS B 374 -12.01 -16.47 -26.98
N GLU B 375 -11.40 -17.41 -27.68
CA GLU B 375 -10.60 -17.12 -28.88
C GLU B 375 -11.41 -16.45 -29.99
N LYS B 376 -12.69 -16.80 -30.10
CA LYS B 376 -13.59 -16.19 -31.08
C LYS B 376 -13.95 -14.75 -30.70
N GLU B 377 -13.97 -14.47 -29.39
CA GLU B 377 -14.27 -13.12 -28.90
C GLU B 377 -13.14 -12.13 -29.16
N MET B 378 -11.91 -12.63 -29.21
CA MET B 378 -10.73 -11.83 -29.53
C MET B 378 -10.80 -11.28 -30.95
N GLU B 379 -11.38 -12.07 -31.85
CA GLU B 379 -11.56 -11.67 -33.25
C GLU B 379 -12.48 -10.45 -33.34
N GLU B 380 -13.59 -10.50 -32.61
CA GLU B 380 -14.51 -9.38 -32.53
C GLU B 380 -13.81 -8.11 -32.02
N ILE B 381 -13.01 -8.26 -30.96
CA ILE B 381 -12.23 -7.15 -30.41
C ILE B 381 -11.30 -6.54 -31.46
N ALA B 382 -10.55 -7.42 -32.15
CA ALA B 382 -9.61 -6.99 -33.19
C ALA B 382 -10.31 -6.27 -34.34
N GLU B 383 -11.56 -6.65 -34.60
CA GLU B 383 -12.37 -6.00 -35.63
C GLU B 383 -12.76 -4.57 -35.22
N PHE B 384 -13.11 -4.39 -33.94
CA PHE B 384 -13.37 -3.06 -33.38
C PHE B 384 -12.14 -2.16 -33.51
N MET B 385 -10.97 -2.74 -33.27
CA MET B 385 -9.71 -2.04 -33.39
C MET B 385 -9.35 -1.67 -34.83
N LYS B 386 -9.77 -2.51 -35.78
CA LYS B 386 -9.56 -2.26 -37.20
C LYS B 386 -10.40 -1.09 -37.69
N ARG B 387 -11.65 -1.04 -37.24
CA ARG B 387 -12.61 -0.02 -37.66
C ARG B 387 -12.16 1.40 -37.28
N ILE B 388 -11.54 1.52 -36.10
CA ILE B 388 -11.00 2.80 -35.62
C ILE B 388 -9.72 3.17 -36.35
N ALA B 389 -8.78 2.23 -36.40
CA ALA B 389 -7.41 2.49 -36.87
C ALA B 389 -7.24 2.51 -38.39
N ILE B 390 -7.99 1.67 -39.09
CA ILE B 390 -7.82 1.51 -40.54
C ILE B 390 -9.00 2.05 -41.35
N ASP B 391 -10.22 1.64 -40.98
CA ASP B 391 -11.42 2.08 -41.68
C ASP B 391 -11.75 3.54 -41.40
N LYS B 392 -11.13 4.11 -40.37
CA LYS B 392 -11.32 5.51 -39.95
C LYS B 392 -12.77 5.85 -39.65
N GLU B 393 -13.46 4.91 -39.00
CA GLU B 393 -14.82 5.09 -38.55
C GLU B 393 -14.80 5.88 -37.24
N LYS B 394 -15.74 6.81 -37.09
CA LYS B 394 -15.85 7.65 -35.89
C LYS B 394 -15.90 6.78 -34.64
N PRO B 395 -15.01 7.07 -33.66
CA PRO B 395 -14.91 6.29 -32.41
C PRO B 395 -16.18 6.32 -31.57
N GLU B 396 -16.96 7.39 -31.72
CA GLU B 396 -18.23 7.54 -31.02
C GLU B 396 -19.30 6.59 -31.57
N LYS B 397 -19.11 6.18 -32.84
CA LYS B 397 -20.02 5.26 -33.51
C LYS B 397 -19.71 3.81 -33.17
N VAL B 398 -18.42 3.49 -33.08
CA VAL B 398 -17.95 2.15 -32.72
C VAL B 398 -18.25 1.86 -31.25
N ARG B 399 -18.27 2.93 -30.46
CA ARG B 399 -18.62 2.89 -29.04
C ARG B 399 -19.88 2.06 -28.78
N GLU B 400 -20.90 2.26 -29.62
CA GLU B 400 -22.19 1.58 -29.50
C GLU B 400 -22.08 0.06 -29.59
N ASP B 401 -21.27 -0.42 -30.54
CA ASP B 401 -21.03 -1.84 -30.71
C ASP B 401 -20.15 -2.40 -29.60
N VAL B 402 -19.22 -1.57 -29.12
CA VAL B 402 -18.27 -1.99 -28.08
C VAL B 402 -18.97 -2.22 -26.73
N LYS B 403 -19.84 -1.28 -26.35
CA LYS B 403 -20.57 -1.40 -25.08
C LYS B 403 -21.60 -2.52 -25.10
N GLU B 404 -22.19 -2.78 -26.27
CA GLU B 404 -23.11 -3.91 -26.43
C GLU B 404 -22.39 -5.25 -26.30
N PHE B 405 -21.17 -5.32 -26.83
CA PHE B 405 -20.34 -6.51 -26.75
C PHE B 405 -19.81 -6.72 -25.33
N ALA B 406 -19.41 -5.63 -24.68
CA ALA B 406 -18.79 -5.69 -23.35
C ALA B 406 -19.78 -6.05 -22.24
N LYS B 407 -20.99 -5.50 -22.31
CA LYS B 407 -22.06 -5.82 -21.36
C LYS B 407 -22.25 -7.32 -21.19
N GLU B 408 -22.17 -8.04 -22.30
CA GLU B 408 -22.41 -9.50 -22.33
C GLU B 408 -21.37 -10.32 -21.57
N TYR B 409 -20.32 -9.67 -21.09
CA TYR B 409 -19.25 -10.33 -20.35
C TYR B 409 -18.94 -9.57 -19.06
N SER B 410 -19.90 -9.55 -18.15
CA SER B 410 -19.74 -8.88 -16.86
C SER B 410 -19.81 -9.88 -15.70
N THR B 411 -19.45 -11.12 -15.99
CA THR B 411 -19.48 -12.20 -15.02
C THR B 411 -18.07 -12.78 -14.79
N ILE B 412 -17.68 -12.90 -13.52
CA ILE B 412 -16.35 -13.36 -13.17
C ILE B 412 -16.21 -14.87 -13.31
N HIS B 413 -15.35 -15.27 -14.25
CA HIS B 413 -15.04 -16.68 -14.47
C HIS B 413 -13.82 -17.08 -13.64
N TYR B 414 -13.47 -18.37 -13.72
CA TYR B 414 -12.32 -18.95 -13.01
C TYR B 414 -12.27 -18.59 -11.52
N SER B 415 -13.41 -18.77 -10.85
CA SER B 415 -13.53 -18.54 -9.42
C SER B 415 -14.64 -19.43 -8.85
N PHE B 416 -14.68 -19.51 -7.52
CA PHE B 416 -15.70 -20.30 -6.82
C PHE B 416 -17.05 -19.57 -6.83
N ASP B 417 -16.99 -18.24 -6.88
CA ASP B 417 -18.17 -17.39 -6.91
C ASP B 417 -18.31 -16.71 -8.27
N GLU B 418 -19.09 -17.33 -9.16
CA GLU B 418 -19.34 -16.77 -10.49
C GLU B 418 -20.42 -15.68 -10.42
N GLY B 419 -20.05 -14.53 -9.87
CA GLY B 419 -21.00 -13.44 -9.64
C GLY B 419 -20.80 -12.24 -10.56
N ASP B 420 -21.54 -11.16 -10.27
CA ASP B 420 -21.51 -9.93 -11.05
C ASP B 420 -20.30 -9.07 -10.69
N GLY B 421 -19.34 -8.99 -11.60
CA GLY B 421 -18.24 -8.05 -11.46
C GLY B 421 -18.75 -6.69 -11.86
N PHE B 422 -18.17 -5.62 -11.30
CA PHE B 422 -18.64 -4.24 -11.50
C PHE B 422 -19.90 -3.94 -10.71
N LYS B 423 -20.35 -4.93 -9.94
CA LYS B 423 -21.44 -4.77 -9.00
C LYS B 423 -21.02 -3.74 -7.97
N TYR B 424 -21.91 -2.80 -7.66
CA TYR B 424 -21.63 -1.81 -6.65
C TYR B 424 -22.32 -2.16 -5.34
N LEU B 425 -21.54 -2.33 -4.28
CA LEU B 425 -22.08 -2.63 -2.97
C LEU B 425 -22.12 -1.39 -2.08
N ARG B 426 -23.33 -1.00 -1.69
CA ARG B 426 -23.53 0.13 -0.77
C ARG B 426 -23.34 -0.30 0.67
N PHE B 427 -22.69 0.55 1.47
CA PHE B 427 -22.38 0.26 2.86
C PHE B 427 -23.31 0.99 3.84
N TYR B 428 -23.96 2.04 3.35
CA TYR B 428 -24.86 2.84 4.17
C TYR B 428 -26.06 3.34 3.38
P PO4 C . 3.13 -1.52 -16.35
O1 PO4 C . 2.43 -2.54 -17.22
O2 PO4 C . 3.52 -2.17 -15.04
O3 PO4 C . 4.36 -1.02 -17.06
O4 PO4 C . 2.17 -0.38 -16.09
#